data_3V8H
#
_entry.id   3V8H
#
_cell.length_a   59.060
_cell.length_b   107.690
_cell.length_c   117.240
_cell.angle_alpha   90.000
_cell.angle_beta   98.060
_cell.angle_gamma   90.000
#
_symmetry.space_group_name_H-M   'P 1 21 1'
#
loop_
_entity.id
_entity.type
_entity.pdbx_description
1 polymer 'Thymidylate synthase'
2 non-polymer 'CITRIC ACID'
3 non-polymer 1,2-ETHANEDIOL
4 water water
#
_entity_poly.entity_id   1
_entity_poly.type   'polypeptide(L)'
_entity_poly.pdbx_seq_one_letter_code
;GPGSMKQYLDLVRTILDTGTWQSNRTGIRTIGIPGAMLRFDLQQGFPAVTTKKLAFKSAIGELVGFLRATRSAAEFRALG
CKVWDANANENAQWLANPYRRGADDLGDVYGVQWRRWPGYKVLDAHADAQIADATSRGFRIVARFEEGGADKVLLHKAID
QLRDCLDTIVRDPSSRRILFHGWNPAVLDEIALPACHLLYQFLPNVERREISLCLYIRSNDVGLGTPFNLAEGAALLTLV
GRLTGYSPRWFTYFIGDAHIYENQLDMLKQQLEREPFESPRLELAERVPDYAKTGKYEPQWLERVEPSDFTLVGYRHHEP
LSAPMAV
;
_entity_poly.pdbx_strand_id   A,B,C,D
#
# COMPACT_ATOMS: atom_id res chain seq x y z
N MET A 5 10.79 -9.83 5.67
CA MET A 5 10.51 -10.83 4.55
C MET A 5 11.79 -11.30 3.84
N LYS A 6 12.96 -10.89 4.31
CA LYS A 6 14.18 -11.45 3.74
C LYS A 6 14.10 -12.97 3.73
N GLN A 7 13.62 -13.57 4.82
CA GLN A 7 13.49 -15.04 4.87
C GLN A 7 12.73 -15.60 3.68
N TYR A 8 11.71 -14.88 3.23
CA TYR A 8 10.90 -15.33 2.09
C TYR A 8 11.75 -15.35 0.84
N LEU A 9 12.43 -14.24 0.56
CA LEU A 9 13.29 -14.15 -0.60
C LEU A 9 14.43 -15.17 -0.53
N ASP A 10 14.98 -15.38 0.67
CA ASP A 10 15.99 -16.42 0.89
C ASP A 10 15.47 -17.83 0.60
N LEU A 11 14.20 -18.10 0.95
CA LEU A 11 13.57 -19.39 0.59
C LEU A 11 13.52 -19.57 -0.92
N VAL A 12 13.08 -18.55 -1.63
CA VAL A 12 13.05 -18.58 -3.08
C VAL A 12 14.46 -18.88 -3.57
N ARG A 13 15.46 -18.18 -3.06
CA ARG A 13 16.85 -18.37 -3.51
C ARG A 13 17.32 -19.79 -3.22
N THR A 14 16.99 -20.28 -2.03
CA THR A 14 17.38 -21.63 -1.65
C THR A 14 16.78 -22.69 -2.57
N ILE A 15 15.52 -22.51 -2.93
CA ILE A 15 14.86 -23.46 -3.83
C ILE A 15 15.55 -23.44 -5.20
N LEU A 16 15.81 -22.25 -5.73
CA LEU A 16 16.49 -22.13 -7.03
C LEU A 16 17.91 -22.68 -7.00
N ASP A 17 18.61 -22.51 -5.88
CA ASP A 17 20.01 -22.94 -5.77
C ASP A 17 20.21 -24.39 -5.34
N THR A 18 19.24 -24.97 -4.62
CA THR A 18 19.39 -26.32 -4.06
C THR A 18 18.26 -27.31 -4.45
N GLY A 19 17.20 -26.81 -5.06
CA GLY A 19 16.07 -27.64 -5.47
C GLY A 19 16.39 -28.53 -6.66
N THR A 20 15.48 -29.46 -6.93
CA THR A 20 15.62 -30.37 -8.06
C THR A 20 14.35 -30.27 -8.94
N TRP A 21 14.49 -30.54 -10.23
CA TRP A 21 13.38 -30.39 -11.21
C TRP A 21 12.52 -31.62 -11.29
N GLN A 22 11.19 -31.40 -11.29
CA GLN A 22 10.19 -32.47 -11.38
C GLN A 22 9.01 -32.17 -12.30
N SER A 23 8.51 -33.23 -12.96
CA SER A 23 7.29 -33.15 -13.77
C SER A 23 6.06 -33.65 -12.98
N ASN A 24 4.87 -33.16 -13.34
CA ASN A 24 3.65 -33.43 -12.56
C ASN A 24 2.39 -33.58 -13.42
N GLY A 27 1.83 -30.77 -16.29
CA GLY A 27 2.25 -30.09 -17.51
C GLY A 27 3.49 -29.23 -17.31
N ILE A 28 3.43 -28.34 -16.33
CA ILE A 28 4.50 -27.37 -16.07
C ILE A 28 5.42 -27.94 -14.99
N ARG A 29 6.71 -28.00 -15.28
CA ARG A 29 7.69 -28.51 -14.33
C ARG A 29 7.81 -27.60 -13.11
N THR A 30 8.25 -28.20 -12.00
CA THR A 30 8.51 -27.43 -10.79
C THR A 30 9.92 -27.73 -10.26
N ILE A 31 10.50 -26.75 -9.57
CA ILE A 31 11.72 -26.93 -8.80
C ILE A 31 11.33 -26.77 -7.31
N GLY A 32 11.78 -27.68 -6.45
CA GLY A 32 11.27 -27.71 -5.08
C GLY A 32 12.23 -28.29 -4.07
N ILE A 33 11.94 -28.03 -2.81
CA ILE A 33 12.61 -28.70 -1.67
C ILE A 33 11.54 -29.22 -0.73
N PRO A 34 11.83 -30.34 -0.05
CA PRO A 34 10.93 -30.90 0.97
C PRO A 34 11.28 -30.35 2.36
N GLY A 35 10.38 -29.61 2.97
CA GLY A 35 10.60 -29.14 4.34
C GLY A 35 11.30 -27.78 4.46
N ALA A 36 10.52 -26.73 4.71
CA ALA A 36 11.06 -25.40 4.97
C ALA A 36 10.25 -24.69 6.05
N MET A 37 10.87 -23.70 6.70
CA MET A 37 10.20 -22.91 7.72
C MET A 37 10.46 -21.39 7.48
N LEU A 38 9.40 -20.61 7.66
CA LEU A 38 9.50 -19.16 7.76
C LEU A 38 8.94 -18.84 9.15
N ARG A 39 9.57 -17.91 9.86
CA ARG A 39 9.10 -17.62 11.20
C ARG A 39 9.18 -16.11 11.42
N PHE A 40 8.03 -15.51 11.71
CA PHE A 40 7.87 -14.07 11.78
C PHE A 40 7.40 -13.62 13.17
N ASP A 41 7.94 -12.49 13.62
CA ASP A 41 7.50 -11.86 14.84
C ASP A 41 6.55 -10.76 14.43
N LEU A 42 5.26 -10.97 14.66
CA LEU A 42 4.24 -10.07 14.13
C LEU A 42 4.32 -8.68 14.78
N GLN A 43 4.95 -8.61 15.93
CA GLN A 43 5.14 -7.30 16.56
C GLN A 43 6.09 -6.42 15.75
N GLN A 44 6.93 -7.03 14.89
CA GLN A 44 7.79 -6.33 13.98
C GLN A 44 7.14 -5.92 12.65
N GLY A 45 5.97 -6.44 12.32
CA GLY A 45 5.28 -6.02 11.12
C GLY A 45 4.57 -7.23 10.55
N PHE A 46 3.77 -6.97 9.54
CA PHE A 46 2.91 -7.96 8.87
C PHE A 46 3.71 -8.52 7.67
N PRO A 47 3.65 -9.84 7.45
CA PRO A 47 4.52 -10.46 6.44
C PRO A 47 3.93 -10.36 5.03
N ALA A 48 3.74 -9.11 4.59
CA ALA A 48 3.37 -8.78 3.23
C ALA A 48 4.59 -8.73 2.31
N VAL A 49 4.51 -9.43 1.19
CA VAL A 49 5.54 -9.23 0.13
C VAL A 49 5.53 -7.77 -0.32
N THR A 50 6.73 -7.22 -0.55
CA THR A 50 6.89 -5.83 -1.03
C THR A 50 7.58 -5.73 -2.38
N THR A 51 8.21 -6.82 -2.82
CA THR A 51 8.85 -6.87 -4.13
C THR A 51 7.83 -7.08 -5.26
N LYS A 52 6.56 -7.26 -4.89
CA LYS A 52 5.41 -7.18 -5.79
C LYS A 52 4.20 -6.74 -4.95
N LYS A 53 3.06 -6.47 -5.57
CA LYS A 53 1.88 -6.05 -4.82
C LYS A 53 1.18 -7.28 -4.24
N LEU A 54 1.04 -7.32 -2.92
CA LEU A 54 0.25 -8.39 -2.30
C LEU A 54 -1.22 -8.14 -2.57
N ALA A 55 -1.93 -9.17 -3.03
CA ALA A 55 -3.39 -9.10 -3.19
C ALA A 55 -4.06 -9.24 -1.83
N PHE A 56 -3.88 -8.22 -1.00
CA PHE A 56 -4.26 -8.27 0.41
C PHE A 56 -5.78 -8.42 0.58
N LYS A 57 -6.57 -7.64 -0.14
CA LYS A 57 -8.02 -7.73 0.07
C LYS A 57 -8.57 -9.05 -0.41
N SER A 58 -7.95 -9.61 -1.42
CA SER A 58 -8.34 -10.93 -1.89
C SER A 58 -8.08 -12.04 -0.82
N ALA A 59 -6.92 -11.94 -0.20
CA ALA A 59 -6.46 -12.88 0.84
C ALA A 59 -7.35 -12.72 2.05
N ILE A 60 -7.62 -11.48 2.45
CA ILE A 60 -8.51 -11.24 3.60
C ILE A 60 -9.93 -11.74 3.28
N GLY A 61 -10.42 -11.45 2.09
CA GLY A 61 -11.71 -12.02 1.63
C GLY A 61 -11.80 -13.53 1.69
N GLU A 62 -10.73 -14.21 1.26
CA GLU A 62 -10.68 -15.65 1.34
C GLU A 62 -10.75 -16.13 2.80
N LEU A 63 -10.00 -15.50 3.68
CA LEU A 63 -9.99 -15.90 5.09
C LEU A 63 -11.37 -15.69 5.69
N VAL A 64 -12.03 -14.60 5.35
CA VAL A 64 -13.34 -14.32 5.95
C VAL A 64 -14.31 -15.39 5.41
N GLY A 65 -14.19 -15.74 4.13
CA GLY A 65 -14.97 -16.82 3.56
C GLY A 65 -14.83 -18.13 4.36
N PHE A 66 -13.59 -18.53 4.65
CA PHE A 66 -13.31 -19.71 5.43
C PHE A 66 -13.90 -19.60 6.82
N LEU A 67 -13.71 -18.44 7.50
CA LEU A 67 -14.34 -18.27 8.81
C LEU A 67 -15.84 -18.49 8.80
N ARG A 68 -16.50 -18.15 7.69
CA ARG A 68 -17.95 -18.34 7.52
C ARG A 68 -18.31 -19.69 6.92
N ALA A 69 -17.34 -20.61 6.79
CA ALA A 69 -17.63 -21.95 6.28
C ALA A 69 -18.27 -21.88 4.91
N THR A 70 -17.68 -21.07 4.03
CA THR A 70 -18.23 -20.83 2.70
C THR A 70 -17.87 -21.91 1.74
N ARG A 71 -18.84 -22.41 0.98
CA ARG A 71 -18.52 -23.35 -0.06
C ARG A 71 -18.95 -22.90 -1.47
N SER A 72 -19.35 -21.64 -1.56
CA SER A 72 -19.73 -21.00 -2.83
C SER A 72 -18.70 -19.96 -3.32
N ALA A 73 -18.21 -20.12 -4.55
CA ALA A 73 -17.35 -19.11 -5.14
C ALA A 73 -18.10 -17.76 -5.29
N ALA A 74 -19.43 -17.76 -5.36
CA ALA A 74 -20.14 -16.46 -5.47
C ALA A 74 -19.99 -15.70 -4.13
N GLU A 75 -20.02 -16.42 -3.01
CA GLU A 75 -19.87 -15.78 -1.71
C GLU A 75 -18.46 -15.30 -1.52
N PHE A 76 -17.48 -16.07 -1.99
CA PHE A 76 -16.11 -15.56 -2.01
C PHE A 76 -15.97 -14.25 -2.83
N ARG A 77 -16.55 -14.27 -4.03
CA ARG A 77 -16.57 -13.07 -4.86
C ARG A 77 -17.19 -11.87 -4.14
N ALA A 78 -18.27 -12.09 -3.40
CA ALA A 78 -18.94 -11.01 -2.65
C ALA A 78 -18.01 -10.45 -1.57
N LEU A 79 -17.05 -11.27 -1.12
CA LEU A 79 -16.05 -10.89 -0.12
C LEU A 79 -14.76 -10.34 -0.73
N GLY A 80 -14.77 -10.11 -2.04
CA GLY A 80 -13.61 -9.54 -2.71
C GLY A 80 -12.58 -10.57 -3.18
N CYS A 81 -13.00 -11.83 -3.34
CA CYS A 81 -12.06 -12.89 -3.61
C CYS A 81 -12.49 -13.75 -4.80
N LYS A 82 -11.72 -13.67 -5.89
CA LYS A 82 -12.03 -14.42 -7.12
C LYS A 82 -11.22 -15.71 -7.33
N VAL A 83 -10.46 -16.12 -6.31
CA VAL A 83 -9.47 -17.16 -6.56
C VAL A 83 -10.06 -18.56 -6.70
N TRP A 84 -11.33 -18.71 -6.34
CA TRP A 84 -12.01 -19.99 -6.46
C TRP A 84 -12.80 -20.18 -7.71
N ASP A 85 -12.88 -19.13 -8.56
CA ASP A 85 -13.79 -19.24 -9.68
C ASP A 85 -13.49 -20.40 -10.65
N ALA A 86 -12.25 -20.50 -11.08
CA ALA A 86 -11.83 -21.57 -11.99
C ALA A 86 -11.98 -22.96 -11.37
N ASN A 87 -11.55 -23.12 -10.12
CA ASN A 87 -11.71 -24.42 -9.44
C ASN A 87 -13.18 -24.86 -9.33
N ALA A 88 -14.09 -23.90 -9.12
CA ALA A 88 -15.50 -24.18 -9.00
C ALA A 88 -16.17 -24.47 -10.32
N ASN A 89 -15.75 -23.75 -11.38
CA ASN A 89 -16.55 -23.73 -12.60
C ASN A 89 -15.89 -24.22 -13.88
N GLU A 90 -14.57 -24.32 -13.87
CA GLU A 90 -13.85 -24.80 -15.08
CA GLU A 90 -13.80 -24.73 -15.05
C GLU A 90 -13.09 -26.10 -14.92
N ASN A 91 -12.58 -26.39 -13.73
CA ASN A 91 -11.84 -27.63 -13.45
C ASN A 91 -12.66 -28.85 -13.90
N ALA A 92 -12.14 -29.59 -14.88
CA ALA A 92 -12.90 -30.64 -15.51
C ALA A 92 -13.17 -31.78 -14.50
N GLN A 93 -12.20 -32.08 -13.67
CA GLN A 93 -12.33 -33.20 -12.72
CA GLN A 93 -12.30 -33.18 -12.72
C GLN A 93 -13.42 -32.86 -11.70
N TRP A 94 -13.42 -31.63 -11.21
CA TRP A 94 -14.49 -31.19 -10.29
C TRP A 94 -15.86 -31.10 -10.93
N LEU A 95 -15.91 -30.62 -12.18
CA LEU A 95 -17.16 -30.59 -12.90
C LEU A 95 -17.77 -31.98 -13.04
N ALA A 96 -16.93 -33.01 -13.10
CA ALA A 96 -17.36 -34.42 -13.25
C ALA A 96 -17.64 -35.07 -11.88
N ASN A 97 -17.41 -34.36 -10.77
CA ASN A 97 -17.50 -34.93 -9.43
C ASN A 97 -18.97 -34.92 -8.99
N PRO A 98 -19.53 -36.10 -8.62
CA PRO A 98 -20.96 -36.12 -8.28
C PRO A 98 -21.37 -35.42 -7.00
N TYR A 99 -20.39 -35.00 -6.18
CA TYR A 99 -20.63 -34.21 -5.01
C TYR A 99 -20.75 -32.70 -5.26
N ARG A 100 -20.42 -32.25 -6.44
CA ARG A 100 -20.50 -30.82 -6.79
C ARG A 100 -21.96 -30.51 -7.00
N ARG A 101 -22.50 -29.55 -6.28
CA ARG A 101 -23.93 -29.31 -6.33
C ARG A 101 -24.41 -28.55 -7.59
N GLY A 102 -23.47 -27.88 -8.26
CA GLY A 102 -23.75 -26.99 -9.38
C GLY A 102 -22.82 -25.78 -9.36
N ALA A 103 -23.23 -24.73 -10.09
CA ALA A 103 -22.40 -23.58 -10.34
C ALA A 103 -21.90 -23.01 -9.03
N ASP A 104 -20.62 -22.68 -9.01
CA ASP A 104 -19.91 -21.99 -7.93
C ASP A 104 -19.67 -22.87 -6.70
N ASP A 105 -20.18 -24.09 -6.71
CA ASP A 105 -19.98 -25.00 -5.54
C ASP A 105 -18.54 -25.49 -5.51
N LEU A 106 -18.02 -25.60 -4.30
CA LEU A 106 -16.68 -26.08 -4.03
C LEU A 106 -16.66 -27.34 -3.20
N GLY A 107 -17.81 -27.75 -2.66
CA GLY A 107 -17.76 -28.77 -1.61
C GLY A 107 -17.28 -28.26 -0.32
N ASP A 108 -17.21 -29.16 0.67
CA ASP A 108 -16.94 -28.78 2.05
C ASP A 108 -15.43 -28.59 2.33
N VAL A 109 -14.87 -27.66 1.59
CA VAL A 109 -13.48 -27.23 1.74
C VAL A 109 -13.21 -26.34 2.95
N TYR A 110 -11.99 -26.47 3.44
CA TYR A 110 -11.39 -25.53 4.38
C TYR A 110 -12.28 -25.15 5.55
N GLY A 111 -12.88 -23.95 5.54
CA GLY A 111 -13.62 -23.46 6.69
C GLY A 111 -14.81 -24.35 7.02
N VAL A 112 -15.33 -25.12 6.09
CA VAL A 112 -16.39 -26.02 6.48
C VAL A 112 -15.87 -27.10 7.45
N GLN A 113 -14.66 -27.56 7.21
CA GLN A 113 -14.04 -28.47 8.11
C GLN A 113 -13.59 -27.76 9.41
N TRP A 114 -13.12 -26.53 9.30
CA TRP A 114 -12.68 -25.77 10.49
C TRP A 114 -13.82 -25.55 11.46
N ARG A 115 -15.00 -25.25 10.91
CA ARG A 115 -16.16 -24.79 11.72
C ARG A 115 -17.29 -25.76 11.88
N ARG A 116 -17.37 -26.71 10.97
CA ARG A 116 -18.51 -27.62 10.81
C ARG A 116 -18.07 -29.04 10.43
N TRP A 117 -16.98 -29.54 11.00
CA TRP A 117 -16.45 -30.84 10.64
C TRP A 117 -17.53 -31.89 10.93
N PRO A 118 -17.94 -32.69 9.94
CA PRO A 118 -18.95 -33.67 10.21
C PRO A 118 -18.41 -34.88 11.01
N GLY A 119 -18.65 -34.90 12.31
CA GLY A 119 -18.18 -35.97 13.20
C GLY A 119 -19.29 -36.96 13.52
N TYR A 120 -19.02 -38.23 13.39
CA TYR A 120 -19.99 -39.27 13.68
C TYR A 120 -19.45 -40.25 14.69
N LYS A 121 -20.36 -40.82 15.46
CA LYS A 121 -20.11 -41.99 16.29
C LYS A 121 -21.19 -43.05 15.99
N VAL A 122 -20.79 -44.32 15.94
CA VAL A 122 -21.75 -45.40 15.97
C VAL A 122 -21.58 -46.15 17.31
N LEU A 123 -22.58 -46.02 18.16
CA LEU A 123 -22.60 -46.61 19.51
C LEU A 123 -23.65 -47.71 19.63
N ASP A 124 -23.41 -48.64 20.54
CA ASP A 124 -24.44 -49.55 20.94
C ASP A 124 -25.61 -48.75 21.49
N ALA A 125 -26.81 -49.12 21.11
CA ALA A 125 -28.03 -48.43 21.51
C ALA A 125 -28.19 -48.38 23.02
N HIS A 126 -27.63 -49.35 23.74
CA HIS A 126 -27.73 -49.38 25.20
C HIS A 126 -26.45 -49.01 25.93
N ALA A 127 -25.52 -48.35 25.22
CA ALA A 127 -24.29 -47.83 25.83
C ALA A 127 -24.61 -46.48 26.47
N ASP A 128 -25.39 -46.50 27.55
CA ASP A 128 -26.01 -45.30 28.06
C ASP A 128 -24.97 -44.27 28.47
N ALA A 129 -23.88 -44.71 29.10
CA ALA A 129 -22.87 -43.78 29.59
C ALA A 129 -22.13 -43.10 28.43
N GLN A 130 -21.85 -43.85 27.39
CA GLN A 130 -21.19 -43.27 26.19
C GLN A 130 -22.14 -42.30 25.53
N ILE A 131 -23.40 -42.67 25.42
CA ILE A 131 -24.39 -41.79 24.77
C ILE A 131 -24.54 -40.49 25.54
N ALA A 132 -24.67 -40.59 26.86
CA ALA A 132 -24.82 -39.39 27.69
C ALA A 132 -23.60 -38.49 27.59
N ASP A 133 -22.42 -39.11 27.54
CA ASP A 133 -21.20 -38.33 27.43
C ASP A 133 -21.12 -37.61 26.07
N ALA A 134 -21.50 -38.32 25.02
CA ALA A 134 -21.42 -37.75 23.67
C ALA A 134 -22.43 -36.61 23.56
N THR A 135 -23.65 -36.83 24.06
CA THR A 135 -24.66 -35.77 23.99
C THR A 135 -24.29 -34.55 24.86
N SER A 136 -23.65 -34.80 26.01
CA SER A 136 -23.17 -33.69 26.81
C SER A 136 -22.16 -32.81 26.05
N ARG A 137 -21.44 -33.42 25.09
CA ARG A 137 -20.44 -32.73 24.27
C ARG A 137 -20.99 -32.19 22.94
N GLY A 138 -22.31 -32.31 22.73
CA GLY A 138 -22.94 -31.70 21.55
C GLY A 138 -23.31 -32.65 20.42
N PHE A 139 -22.97 -33.92 20.53
CA PHE A 139 -23.46 -34.94 19.58
C PHE A 139 -24.93 -35.15 19.77
N ARG A 140 -25.63 -35.44 18.68
CA ARG A 140 -27.06 -35.73 18.77
C ARG A 140 -27.35 -36.99 17.98
N ILE A 141 -28.33 -37.77 18.45
CA ILE A 141 -28.72 -39.04 17.84
C ILE A 141 -29.55 -38.76 16.60
N VAL A 142 -29.06 -39.24 15.47
CA VAL A 142 -29.73 -38.98 14.20
CA VAL A 142 -29.69 -38.98 14.17
C VAL A 142 -30.36 -40.21 13.58
N ALA A 143 -30.03 -41.39 14.10
CA ALA A 143 -30.63 -42.61 13.57
C ALA A 143 -30.43 -43.77 14.54
N ARG A 144 -31.34 -44.73 14.45
CA ARG A 144 -31.26 -45.99 15.19
C ARG A 144 -31.37 -47.08 14.13
N PHE A 145 -30.50 -48.07 14.19
CA PHE A 145 -30.50 -49.12 13.18
C PHE A 145 -29.92 -50.40 13.74
N GLU A 146 -30.18 -51.52 13.08
CA GLU A 146 -29.60 -52.82 13.44
C GLU A 146 -28.39 -53.12 12.57
N GLU A 147 -27.34 -53.65 13.17
CA GLU A 147 -26.13 -54.10 12.46
C GLU A 147 -25.53 -55.28 13.21
N GLY A 148 -25.17 -56.33 12.49
CA GLY A 148 -24.66 -57.56 13.10
C GLY A 148 -25.56 -58.13 14.19
N GLY A 149 -26.87 -57.94 14.03
CA GLY A 149 -27.82 -58.36 15.07
C GLY A 149 -27.70 -57.59 16.38
N ALA A 150 -27.14 -56.38 16.34
CA ALA A 150 -27.02 -55.53 17.52
C ALA A 150 -27.64 -54.19 17.19
N ASP A 151 -28.40 -53.63 18.12
CA ASP A 151 -29.06 -52.35 17.90
C ASP A 151 -28.04 -51.25 18.14
N LYS A 152 -28.00 -50.34 17.17
CA LYS A 152 -27.04 -49.22 17.15
CA LYS A 152 -27.05 -49.22 17.23
C LYS A 152 -27.71 -47.86 17.11
N VAL A 153 -26.98 -46.83 17.56
CA VAL A 153 -27.34 -45.44 17.33
C VAL A 153 -26.21 -44.69 16.59
N LEU A 154 -26.60 -43.90 15.59
CA LEU A 154 -25.68 -42.96 14.94
C LEU A 154 -25.80 -41.60 15.60
N LEU A 155 -24.67 -41.09 16.07
CA LEU A 155 -24.59 -39.74 16.58
C LEU A 155 -23.79 -38.84 15.64
N HIS A 156 -24.18 -37.57 15.57
CA HIS A 156 -23.52 -36.58 14.73
C HIS A 156 -23.27 -35.31 15.50
N LYS A 157 -22.14 -34.67 15.22
CA LYS A 157 -21.86 -33.31 15.67
C LYS A 157 -21.13 -32.59 14.53
N ALA A 158 -21.61 -31.40 14.18
CA ALA A 158 -20.85 -30.51 13.32
C ALA A 158 -19.84 -29.80 14.20
N ILE A 159 -18.60 -30.28 14.19
CA ILE A 159 -17.64 -29.83 15.15
C ILE A 159 -16.96 -28.50 14.80
N ASP A 160 -17.09 -27.53 15.69
CA ASP A 160 -16.53 -26.24 15.45
C ASP A 160 -15.18 -26.19 16.10
N GLN A 161 -14.18 -26.72 15.40
CA GLN A 161 -12.82 -26.78 15.93
C GLN A 161 -12.29 -25.42 16.29
N LEU A 162 -12.50 -24.43 15.41
CA LEU A 162 -11.91 -23.10 15.64
C LEU A 162 -12.54 -22.47 16.89
N ARG A 163 -13.87 -22.50 17.01
CA ARG A 163 -14.51 -21.94 18.20
C ARG A 163 -14.09 -22.69 19.46
N ASP A 164 -13.91 -24.00 19.35
CA ASP A 164 -13.39 -24.83 20.45
C ASP A 164 -11.99 -24.33 20.83
N CYS A 165 -11.17 -23.95 19.85
CA CYS A 165 -9.85 -23.44 20.16
C CYS A 165 -9.95 -22.14 20.88
N LEU A 166 -10.83 -21.24 20.43
CA LEU A 166 -10.91 -19.96 21.15
C LEU A 166 -11.38 -20.17 22.61
N ASP A 167 -12.33 -21.07 22.79
CA ASP A 167 -12.83 -21.41 24.13
C ASP A 167 -11.67 -21.90 25.05
N THR A 168 -10.77 -22.70 24.49
CA THR A 168 -9.70 -23.30 25.25
C THR A 168 -8.67 -22.24 25.55
N ILE A 169 -8.41 -21.34 24.60
CA ILE A 169 -7.48 -20.21 24.89
C ILE A 169 -7.95 -19.42 26.13
N VAL A 170 -9.25 -19.12 26.19
CA VAL A 170 -9.81 -18.31 27.30
C VAL A 170 -9.89 -19.13 28.61
N ARG A 171 -10.22 -20.41 28.51
CA ARG A 171 -10.45 -21.30 29.66
C ARG A 171 -9.17 -21.95 30.20
N ASP A 172 -8.25 -22.32 29.31
CA ASP A 172 -7.14 -23.19 29.65
C ASP A 172 -5.95 -22.91 28.72
N PRO A 173 -5.33 -21.72 28.83
CA PRO A 173 -4.33 -21.27 27.85
C PRO A 173 -3.04 -22.10 27.88
N SER A 174 -2.81 -22.88 28.94
CA SER A 174 -1.60 -23.69 29.03
C SER A 174 -1.77 -25.00 28.23
N SER A 175 -2.96 -25.24 27.72
CA SER A 175 -3.18 -26.43 26.91
C SER A 175 -2.26 -26.50 25.70
N ARG A 176 -1.76 -27.71 25.40
CA ARG A 176 -0.87 -27.94 24.27
C ARG A 176 -1.66 -28.63 23.15
N ARG A 177 -2.98 -28.49 23.18
CA ARG A 177 -3.87 -29.20 22.25
C ARG A 177 -4.78 -28.24 21.46
N ILE A 178 -4.41 -26.97 21.43
CA ILE A 178 -5.22 -25.92 20.83
C ILE A 178 -4.90 -25.84 19.35
N LEU A 179 -5.54 -26.71 18.57
CA LEU A 179 -5.32 -26.72 17.15
C LEU A 179 -6.58 -27.14 16.38
N PHE A 180 -6.61 -26.79 15.10
CA PHE A 180 -7.63 -27.30 14.19
C PHE A 180 -6.99 -27.60 12.87
N HIS A 181 -7.65 -28.44 12.07
CA HIS A 181 -7.14 -28.64 10.74
C HIS A 181 -8.21 -29.01 9.78
N GLY A 182 -7.90 -28.99 8.46
CA GLY A 182 -8.92 -29.20 7.46
C GLY A 182 -8.73 -30.42 6.61
N TRP A 183 -7.98 -31.42 7.10
CA TRP A 183 -7.76 -32.62 6.33
C TRP A 183 -8.61 -33.72 6.87
N ASN A 184 -9.78 -33.87 6.26
CA ASN A 184 -10.74 -34.90 6.65
C ASN A 184 -10.72 -36.05 5.62
N PRO A 185 -10.06 -37.16 5.96
CA PRO A 185 -9.94 -38.27 5.02
C PRO A 185 -11.23 -38.80 4.48
N ALA A 186 -12.34 -38.64 5.20
CA ALA A 186 -13.60 -39.18 4.76
C ALA A 186 -14.26 -38.43 3.59
N VAL A 187 -13.79 -37.25 3.28
CA VAL A 187 -14.39 -36.39 2.29
C VAL A 187 -13.40 -35.83 1.28
N LEU A 188 -12.20 -36.40 1.21
CA LEU A 188 -11.28 -36.04 0.10
C LEU A 188 -11.81 -36.20 -1.28
N ASP A 189 -12.83 -37.06 -1.45
CA ASP A 189 -13.40 -37.37 -2.69
C ASP A 189 -14.60 -36.48 -3.03
N GLU A 190 -14.93 -35.53 -2.14
CA GLU A 190 -16.13 -34.75 -2.26
C GLU A 190 -15.88 -33.28 -2.49
N ILE A 191 -14.64 -32.86 -2.82
CA ILE A 191 -14.28 -31.45 -2.75
C ILE A 191 -13.48 -31.01 -3.99
N ALA A 192 -13.53 -29.71 -4.25
CA ALA A 192 -12.86 -29.14 -5.41
C ALA A 192 -11.35 -29.24 -5.32
N LEU A 193 -10.82 -29.10 -4.10
CA LEU A 193 -9.37 -29.07 -3.81
CA LEU A 193 -9.39 -29.15 -3.82
C LEU A 193 -9.13 -29.52 -2.38
N PRO A 194 -8.15 -30.40 -2.14
CA PRO A 194 -7.80 -30.77 -0.76
C PRO A 194 -6.91 -29.69 -0.11
N ALA A 195 -6.98 -29.58 1.21
CA ALA A 195 -6.40 -28.45 1.96
C ALA A 195 -4.91 -28.38 1.65
N CYS A 196 -4.47 -27.19 1.28
CA CYS A 196 -3.05 -26.85 1.10
C CYS A 196 -2.54 -26.30 2.42
N HIS A 197 -3.18 -25.28 2.94
CA HIS A 197 -2.90 -24.84 4.30
C HIS A 197 -3.75 -25.72 5.18
N LEU A 198 -3.11 -26.53 6.02
CA LEU A 198 -3.75 -27.69 6.59
C LEU A 198 -4.04 -27.60 8.08
N LEU A 199 -3.03 -27.30 8.90
CA LEU A 199 -3.20 -27.38 10.34
C LEU A 199 -2.74 -26.09 10.95
N TYR A 200 -3.53 -25.61 11.90
CA TYR A 200 -3.25 -24.38 12.62
C TYR A 200 -3.23 -24.71 14.11
N GLN A 201 -2.14 -24.34 14.80
CA GLN A 201 -2.00 -24.56 16.26
C GLN A 201 -1.71 -23.22 16.92
N PHE A 202 -2.52 -22.90 17.93
CA PHE A 202 -2.29 -21.69 18.74
C PHE A 202 -1.55 -22.00 20.00
N LEU A 203 -0.68 -21.06 20.43
CA LEU A 203 0.17 -21.30 21.57
C LEU A 203 0.19 -20.01 22.38
N PRO A 204 -0.73 -19.91 23.34
CA PRO A 204 -0.72 -18.77 24.26
C PRO A 204 0.50 -18.75 25.21
N ASN A 205 0.99 -17.55 25.56
CA ASN A 205 2.02 -17.38 26.56
C ASN A 205 1.41 -16.45 27.64
N VAL A 206 1.11 -17.03 28.82
CA VAL A 206 0.37 -16.34 29.88
C VAL A 206 1.25 -15.25 30.46
N GLU A 207 2.53 -15.55 30.71
CA GLU A 207 3.50 -14.56 31.27
C GLU A 207 3.55 -13.30 30.44
N ARG A 208 3.68 -13.46 29.14
CA ARG A 208 3.85 -12.37 28.21
C ARG A 208 2.56 -11.82 27.64
N ARG A 209 1.43 -12.50 27.90
CA ARG A 209 0.14 -12.19 27.30
C ARG A 209 0.31 -12.07 25.79
N GLU A 210 0.88 -13.14 25.22
CA GLU A 210 1.16 -13.19 23.81
C GLU A 210 0.53 -14.48 23.28
N ILE A 211 0.16 -14.45 22.01
CA ILE A 211 -0.30 -15.69 21.37
C ILE A 211 0.42 -15.87 20.04
N SER A 212 0.84 -17.12 19.80
CA SER A 212 1.58 -17.50 18.60
C SER A 212 0.77 -18.54 17.81
N LEU A 213 1.15 -18.64 16.55
CA LEU A 213 0.49 -19.57 15.59
C LEU A 213 1.56 -20.37 14.87
N CYS A 214 1.37 -21.71 14.77
CA CYS A 214 2.16 -22.54 13.88
C CYS A 214 1.17 -23.06 12.84
N LEU A 215 1.55 -22.96 11.58
CA LEU A 215 0.69 -23.31 10.45
C LEU A 215 1.44 -24.28 9.58
N TYR A 216 0.86 -25.46 9.36
CA TYR A 216 1.47 -26.52 8.50
C TYR A 216 0.80 -26.46 7.14
N ILE A 217 1.66 -26.29 6.14
CA ILE A 217 1.27 -26.22 4.71
C ILE A 217 1.73 -27.47 3.98
N ARG A 218 0.80 -28.22 3.39
CA ARG A 218 1.15 -29.43 2.67
C ARG A 218 1.97 -29.13 1.41
N SER A 219 1.58 -28.10 0.69
CA SER A 219 2.11 -27.79 -0.62
C SER A 219 1.89 -26.32 -0.91
N ASN A 220 2.93 -25.64 -1.37
CA ASN A 220 2.81 -24.22 -1.73
C ASN A 220 3.56 -23.97 -3.00
N ASP A 221 2.91 -23.22 -3.90
CA ASP A 221 3.62 -22.48 -4.90
C ASP A 221 4.23 -21.29 -4.14
N VAL A 222 5.55 -21.26 -4.04
CA VAL A 222 6.20 -20.26 -3.19
C VAL A 222 6.04 -18.85 -3.80
N GLY A 223 5.91 -18.76 -5.11
CA GLY A 223 5.73 -17.48 -5.81
C GLY A 223 4.37 -16.87 -5.61
N LEU A 224 3.32 -17.63 -5.92
CA LEU A 224 1.95 -17.15 -5.93
C LEU A 224 1.15 -17.49 -4.69
N GLY A 225 1.38 -18.66 -4.09
CA GLY A 225 0.60 -19.10 -2.97
C GLY A 225 1.12 -18.62 -1.62
N THR A 226 2.43 -18.73 -1.39
CA THR A 226 3.01 -18.42 -0.06
C THR A 226 2.66 -17.03 0.41
N PRO A 227 2.71 -16.03 -0.49
CA PRO A 227 2.40 -14.70 0.03
C PRO A 227 0.97 -14.54 0.53
N PHE A 228 0.05 -15.20 -0.15
CA PHE A 228 -1.33 -15.18 0.18
C PHE A 228 -1.62 -15.87 1.50
N ASN A 229 -1.08 -17.08 1.69
CA ASN A 229 -1.24 -17.85 2.91
C ASN A 229 -0.55 -17.18 4.14
N LEU A 230 0.59 -16.55 3.92
CA LEU A 230 1.21 -15.75 5.00
C LEU A 230 0.26 -14.67 5.47
N ALA A 231 -0.34 -13.95 4.53
CA ALA A 231 -1.22 -12.89 4.89
C ALA A 231 -2.41 -13.41 5.71
N GLU A 232 -3.02 -14.47 5.22
CA GLU A 232 -4.17 -15.03 5.89
CA GLU A 232 -4.18 -15.08 5.87
C GLU A 232 -3.87 -15.55 7.28
N GLY A 233 -2.77 -16.28 7.42
CA GLY A 233 -2.38 -16.81 8.73
C GLY A 233 -2.09 -15.69 9.72
N ALA A 234 -1.32 -14.67 9.31
CA ALA A 234 -1.07 -13.56 10.17
C ALA A 234 -2.36 -12.84 10.60
N ALA A 235 -3.27 -12.63 9.65
CA ALA A 235 -4.55 -11.98 9.96
C ALA A 235 -5.40 -12.79 10.92
N LEU A 236 -5.46 -14.11 10.70
CA LEU A 236 -6.17 -14.99 11.64
C LEU A 236 -5.61 -14.86 13.06
N LEU A 237 -4.30 -14.91 13.20
CA LEU A 237 -3.72 -14.84 14.52
C LEU A 237 -4.08 -13.55 15.21
N THR A 238 -4.14 -12.48 14.41
CA THR A 238 -4.44 -11.14 14.93
C THR A 238 -5.91 -11.07 15.40
N LEU A 239 -6.83 -11.66 14.62
CA LEU A 239 -8.23 -11.71 15.02
C LEU A 239 -8.39 -12.56 16.30
N VAL A 240 -7.71 -13.69 16.35
CA VAL A 240 -7.85 -14.58 17.51
C VAL A 240 -7.30 -13.90 18.75
N GLY A 241 -6.15 -13.24 18.66
CA GLY A 241 -5.65 -12.51 19.80
C GLY A 241 -6.60 -11.44 20.31
N ARG A 242 -7.20 -10.70 19.39
CA ARG A 242 -8.19 -9.69 19.75
C ARG A 242 -9.36 -10.29 20.54
N LEU A 243 -9.87 -11.44 20.14
CA LEU A 243 -11.02 -12.00 20.79
C LEU A 243 -10.70 -12.80 22.07
N THR A 244 -9.40 -13.04 22.36
CA THR A 244 -9.04 -13.92 23.49
C THR A 244 -8.12 -13.25 24.52
N GLY A 245 -7.74 -12.01 24.26
CA GLY A 245 -7.00 -11.22 25.24
C GLY A 245 -5.48 -11.36 25.17
N TYR A 246 -4.94 -11.72 24.00
CA TYR A 246 -3.49 -11.92 23.81
C TYR A 246 -2.97 -11.08 22.64
N SER A 247 -1.73 -10.65 22.73
CA SER A 247 -1.08 -9.90 21.65
CA SER A 247 -1.06 -9.89 21.67
C SER A 247 -0.45 -10.91 20.70
N PRO A 248 -0.68 -10.73 19.38
CA PRO A 248 -0.11 -11.72 18.43
C PRO A 248 1.39 -11.60 18.41
N ARG A 249 2.11 -12.73 18.42
CA ARG A 249 3.55 -12.68 18.47
C ARG A 249 4.15 -13.56 17.36
N TRP A 250 4.55 -14.78 17.65
CA TRP A 250 5.20 -15.60 16.61
C TRP A 250 4.26 -16.28 15.66
N PHE A 251 4.57 -16.18 14.37
CA PHE A 251 3.83 -16.87 13.31
C PHE A 251 4.85 -17.71 12.62
N THR A 252 4.76 -19.04 12.83
CA THR A 252 5.69 -19.99 12.24
C THR A 252 4.94 -20.77 11.15
N TYR A 253 5.53 -20.74 9.96
CA TYR A 253 4.94 -21.23 8.74
C TYR A 253 5.81 -22.39 8.28
N PHE A 254 5.25 -23.60 8.32
CA PHE A 254 6.01 -24.81 8.05
C PHE A 254 5.52 -25.33 6.70
N ILE A 255 6.42 -25.59 5.74
CA ILE A 255 6.00 -26.06 4.42
C ILE A 255 6.58 -27.41 4.11
N GLY A 256 5.70 -28.32 3.67
CA GLY A 256 6.11 -29.63 3.22
C GLY A 256 6.70 -29.56 1.83
N ASP A 257 5.84 -29.48 0.82
CA ASP A 257 6.29 -29.38 -0.56
C ASP A 257 6.38 -27.92 -0.98
N ALA A 258 7.57 -27.35 -0.87
CA ALA A 258 7.82 -25.97 -1.28
C ALA A 258 8.40 -25.94 -2.69
N HIS A 259 7.69 -25.35 -3.64
CA HIS A 259 8.13 -25.40 -5.03
C HIS A 259 7.80 -24.18 -5.80
N ILE A 260 8.49 -24.07 -6.93
CA ILE A 260 8.33 -22.96 -7.84
C ILE A 260 8.11 -23.53 -9.23
N TYR A 261 7.15 -22.93 -9.93
CA TYR A 261 6.82 -23.35 -11.30
C TYR A 261 7.78 -22.73 -12.31
N GLU A 262 8.13 -23.51 -13.33
CA GLU A 262 9.14 -23.11 -14.31
C GLU A 262 8.72 -21.84 -15.04
N ASN A 263 7.41 -21.71 -15.32
CA ASN A 263 6.88 -20.55 -16.06
C ASN A 263 6.78 -19.28 -15.21
N GLN A 264 7.22 -19.34 -13.95
CA GLN A 264 7.31 -18.18 -13.08
C GLN A 264 8.74 -17.67 -12.87
N LEU A 265 9.74 -18.38 -13.38
CA LEU A 265 11.15 -18.09 -13.08
C LEU A 265 11.58 -16.66 -13.40
N ASP A 266 11.20 -16.18 -14.58
CA ASP A 266 11.58 -14.84 -15.02
C ASP A 266 11.02 -13.77 -14.05
N MET A 267 9.73 -13.89 -13.77
CA MET A 267 9.03 -13.03 -12.81
C MET A 267 9.77 -13.04 -11.45
N LEU A 268 9.97 -14.22 -10.88
CA LEU A 268 10.62 -14.34 -9.57
C LEU A 268 12.04 -13.79 -9.56
N LYS A 269 12.81 -14.08 -10.60
CA LYS A 269 14.17 -13.53 -10.75
C LYS A 269 14.19 -12.00 -10.66
N GLN A 270 13.25 -11.33 -11.33
CA GLN A 270 13.16 -9.86 -11.26
C GLN A 270 12.81 -9.37 -9.86
N GLN A 271 11.98 -10.14 -9.12
CA GLN A 271 11.67 -9.82 -7.71
C GLN A 271 12.90 -9.91 -6.81
N LEU A 272 13.74 -10.91 -7.06
CA LEU A 272 14.94 -11.12 -6.23
C LEU A 272 15.92 -9.93 -6.32
N GLU A 273 15.88 -9.20 -7.43
CA GLU A 273 16.77 -8.04 -7.64
C GLU A 273 16.26 -6.75 -6.99
N ARG A 274 14.97 -6.66 -6.70
CA ARG A 274 14.36 -5.43 -6.17
C ARG A 274 14.66 -5.18 -4.69
N GLU A 275 14.75 -3.90 -4.32
CA GLU A 275 15.02 -3.51 -2.94
C GLU A 275 13.72 -3.65 -2.12
N PRO A 276 13.70 -4.60 -1.18
CA PRO A 276 12.47 -4.75 -0.39
C PRO A 276 12.21 -3.51 0.47
N PHE A 277 10.95 -3.32 0.86
CA PHE A 277 10.54 -2.24 1.75
C PHE A 277 10.36 -2.81 3.16
N GLU A 278 10.34 -1.93 4.15
CA GLU A 278 9.97 -2.30 5.53
C GLU A 278 8.58 -2.90 5.51
N SER A 279 8.35 -3.89 6.35
CA SER A 279 7.00 -4.44 6.49
C SER A 279 5.99 -3.39 6.95
N PRO A 280 4.76 -3.50 6.46
CA PRO A 280 3.67 -2.69 6.96
C PRO A 280 3.15 -3.21 8.29
N ARG A 281 2.13 -2.54 8.84
CA ARG A 281 1.48 -2.97 10.06
C ARG A 281 0.04 -3.28 9.71
N LEU A 282 -0.51 -4.29 10.37
CA LEU A 282 -1.90 -4.67 10.18
C LEU A 282 -2.71 -4.02 11.26
N GLU A 283 -3.83 -3.40 10.91
CA GLU A 283 -4.79 -2.91 11.89
C GLU A 283 -6.08 -3.64 11.72
N LEU A 284 -6.60 -4.13 12.84
CA LEU A 284 -7.93 -4.71 12.89
C LEU A 284 -8.80 -3.64 13.56
N ALA A 285 -9.94 -3.37 12.93
CA ALA A 285 -10.79 -2.22 13.26
C ALA A 285 -11.24 -2.22 14.71
N GLU A 286 -11.30 -1.00 15.27
CA GLU A 286 -11.71 -0.79 16.64
C GLU A 286 -13.08 -1.40 16.97
N ARG A 287 -13.96 -1.54 15.99
CA ARG A 287 -15.29 -2.08 16.25
C ARG A 287 -15.29 -3.56 16.64
N VAL A 288 -14.22 -4.29 16.28
CA VAL A 288 -13.99 -5.65 16.77
C VAL A 288 -13.49 -5.55 18.20
N PRO A 289 -14.35 -5.92 19.15
CA PRO A 289 -14.05 -5.64 20.55
C PRO A 289 -12.86 -6.44 21.06
N ASP A 290 -12.11 -5.82 21.98
CA ASP A 290 -10.93 -6.41 22.57
C ASP A 290 -11.25 -7.06 23.90
N TYR A 291 -11.17 -8.39 23.95
CA TYR A 291 -11.49 -9.16 25.17
C TYR A 291 -10.69 -8.74 26.39
N ALA A 292 -9.44 -8.33 26.19
CA ALA A 292 -8.59 -7.89 27.29
C ALA A 292 -9.15 -6.61 27.90
N LYS A 293 -9.83 -5.80 27.09
CA LYS A 293 -10.43 -4.57 27.60
C LYS A 293 -11.82 -4.76 28.16
N THR A 294 -12.66 -5.52 27.46
CA THR A 294 -14.05 -5.67 27.83
C THR A 294 -14.28 -6.74 28.88
N GLY A 295 -13.46 -7.78 28.87
CA GLY A 295 -13.75 -8.96 29.67
C GLY A 295 -15.02 -9.69 29.25
N LYS A 296 -15.58 -9.34 28.08
CA LYS A 296 -16.76 -10.03 27.53
C LYS A 296 -16.28 -10.92 26.40
N TYR A 297 -16.56 -12.21 26.54
CA TYR A 297 -16.16 -13.17 25.51
C TYR A 297 -17.20 -13.12 24.41
N GLU A 298 -16.77 -12.82 23.18
CA GLU A 298 -17.71 -12.63 22.06
C GLU A 298 -17.18 -13.30 20.79
N PRO A 299 -17.03 -14.64 20.83
CA PRO A 299 -16.53 -15.37 19.67
C PRO A 299 -17.41 -15.28 18.42
N GLN A 300 -18.64 -14.78 18.52
CA GLN A 300 -19.45 -14.48 17.34
C GLN A 300 -18.76 -13.51 16.35
N TRP A 301 -17.76 -12.75 16.79
CA TRP A 301 -16.98 -11.93 15.87
C TRP A 301 -16.22 -12.68 14.81
N LEU A 302 -16.02 -14.00 14.98
CA LEU A 302 -15.51 -14.82 13.87
C LEU A 302 -16.38 -14.71 12.62
N GLU A 303 -17.70 -14.63 12.79
CA GLU A 303 -18.65 -14.41 11.69
C GLU A 303 -18.92 -12.94 11.39
N ARG A 304 -18.93 -12.09 12.40
CA ARG A 304 -19.28 -10.69 12.24
C ARG A 304 -18.18 -9.86 11.57
N VAL A 305 -16.93 -10.27 11.70
CA VAL A 305 -15.82 -9.54 11.05
C VAL A 305 -16.01 -9.54 9.53
N GLU A 306 -15.72 -8.39 8.92
CA GLU A 306 -15.77 -8.16 7.50
C GLU A 306 -14.37 -7.88 6.95
N PRO A 307 -14.17 -8.12 5.66
CA PRO A 307 -12.86 -7.78 5.09
C PRO A 307 -12.41 -6.35 5.39
N SER A 308 -13.35 -5.41 5.40
CA SER A 308 -13.05 -4.00 5.64
C SER A 308 -12.49 -3.74 7.03
N ASP A 309 -12.58 -4.72 7.95
CA ASP A 309 -12.06 -4.53 9.31
C ASP A 309 -10.54 -4.75 9.35
N PHE A 310 -9.98 -5.32 8.29
CA PHE A 310 -8.53 -5.53 8.19
C PHE A 310 -7.92 -4.54 7.22
N THR A 311 -6.94 -3.76 7.66
CA THR A 311 -6.30 -2.76 6.82
C THR A 311 -4.79 -2.81 7.08
N LEU A 312 -4.00 -2.53 6.05
CA LEU A 312 -2.56 -2.37 6.20
C LEU A 312 -2.19 -0.90 6.32
N VAL A 313 -1.32 -0.59 7.26
CA VAL A 313 -0.84 0.77 7.44
C VAL A 313 0.61 0.85 7.00
N GLY A 314 0.90 1.81 6.12
CA GLY A 314 2.23 2.02 5.62
C GLY A 314 2.72 0.96 4.66
N TYR A 315 1.83 0.38 3.86
CA TYR A 315 2.24 -0.66 2.90
C TYR A 315 2.90 -0.02 1.67
N ARG A 316 4.20 -0.30 1.51
CA ARG A 316 4.98 0.17 0.39
C ARG A 316 5.43 -1.06 -0.39
N HIS A 317 5.37 -0.96 -1.71
CA HIS A 317 5.68 -2.09 -2.57
C HIS A 317 6.07 -1.65 -3.95
N HIS A 318 6.72 -2.55 -4.68
CA HIS A 318 7.07 -2.33 -6.08
C HIS A 318 5.91 -2.53 -7.02
N MET B 5 -16.38 24.38 -25.77
CA MET B 5 -16.27 25.82 -25.40
C MET B 5 -17.54 26.37 -24.74
N LYS B 6 -18.50 25.50 -24.49
CA LYS B 6 -19.70 25.90 -23.74
C LYS B 6 -19.34 26.46 -22.36
N GLN B 7 -18.33 25.88 -21.71
CA GLN B 7 -17.86 26.40 -20.41
C GLN B 7 -17.48 27.85 -20.50
N TYR B 8 -16.96 28.25 -21.66
CA TYR B 8 -16.46 29.61 -21.81
C TYR B 8 -17.62 30.55 -21.76
N LEU B 9 -18.64 30.24 -22.56
CA LEU B 9 -19.86 31.04 -22.60
C LEU B 9 -20.57 31.03 -21.26
N ASP B 10 -20.61 29.87 -20.59
CA ASP B 10 -21.20 29.75 -19.26
C ASP B 10 -20.49 30.62 -18.21
N LEU B 11 -19.17 30.73 -18.32
CA LEU B 11 -18.43 31.62 -17.45
C LEU B 11 -18.85 33.07 -17.68
N VAL B 12 -18.96 33.46 -18.95
CA VAL B 12 -19.40 34.81 -19.29
C VAL B 12 -20.79 35.04 -18.68
N ARG B 13 -21.69 34.07 -18.87
CA ARG B 13 -23.04 34.17 -18.31
C ARG B 13 -23.01 34.29 -16.79
N THR B 14 -22.15 33.50 -16.14
CA THR B 14 -22.04 33.52 -14.68
C THR B 14 -21.54 34.86 -14.16
N ILE B 15 -20.56 35.44 -14.83
CA ILE B 15 -20.06 36.76 -14.45
C ILE B 15 -21.18 37.81 -14.59
N LEU B 16 -21.91 37.76 -15.70
CA LEU B 16 -23.02 38.71 -15.91
C LEU B 16 -24.14 38.52 -14.91
N ASP B 17 -24.44 37.28 -14.52
CA ASP B 17 -25.61 37.02 -13.67
C ASP B 17 -25.28 36.99 -12.18
N THR B 18 -23.99 36.94 -11.82
CA THR B 18 -23.60 36.86 -10.40
C THR B 18 -22.47 37.82 -9.98
N GLY B 19 -21.83 38.47 -10.95
CA GLY B 19 -20.72 39.35 -10.64
C GLY B 19 -21.18 40.68 -10.11
N THR B 20 -20.23 41.48 -9.65
CA THR B 20 -20.51 42.80 -9.10
C THR B 20 -19.74 43.87 -9.90
N TRP B 21 -20.25 45.10 -9.90
CA TRP B 21 -19.63 46.21 -10.65
C TRP B 21 -18.57 46.92 -9.84
N GLN B 22 -17.42 47.15 -10.47
CA GLN B 22 -16.31 47.89 -9.84
C GLN B 22 -15.68 48.92 -10.77
N SER B 23 -15.15 49.98 -10.18
CA SER B 23 -14.35 50.99 -10.88
C SER B 23 -12.86 50.69 -10.66
N ASN B 24 -11.98 51.19 -11.52
CA ASN B 24 -10.56 50.82 -11.48
C ASN B 24 -9.59 51.93 -11.89
N ILE B 28 -13.15 52.95 -17.14
CA ILE B 28 -14.12 51.98 -17.61
C ILE B 28 -14.38 50.96 -16.50
N ARG B 29 -15.65 50.78 -16.13
CA ARG B 29 -16.02 49.85 -15.07
C ARG B 29 -15.89 48.39 -15.53
N THR B 30 -15.81 47.49 -14.55
CA THR B 30 -15.78 46.05 -14.83
C THR B 30 -16.80 45.30 -13.96
N ILE B 31 -17.33 44.21 -14.51
CA ILE B 31 -18.12 43.25 -13.75
C ILE B 31 -17.35 41.92 -13.66
N GLY B 32 -17.31 41.30 -12.50
CA GLY B 32 -16.40 40.17 -12.31
C GLY B 32 -16.70 39.26 -11.15
N ILE B 33 -16.03 38.10 -11.15
CA ILE B 33 -16.02 37.19 -10.02
C ILE B 33 -14.58 36.80 -9.67
N PRO B 34 -14.33 36.51 -8.39
CA PRO B 34 -13.03 36.00 -7.98
C PRO B 34 -12.99 34.45 -7.99
N GLY B 35 -12.16 33.86 -8.83
CA GLY B 35 -11.96 32.41 -8.78
C GLY B 35 -12.91 31.70 -9.74
N ALA B 36 -12.35 31.27 -10.88
CA ALA B 36 -13.08 30.43 -11.85
C ALA B 36 -12.13 29.42 -12.50
N MET B 37 -12.70 28.37 -13.10
CA MET B 37 -11.92 27.34 -13.76
C MET B 37 -12.61 26.95 -15.09
N LEU B 38 -11.80 26.76 -16.11
CA LEU B 38 -12.21 26.09 -17.32
C LEU B 38 -11.30 24.87 -17.46
N ARG B 39 -11.84 23.76 -17.96
CA ARG B 39 -11.03 22.56 -18.06
C ARG B 39 -11.39 21.80 -19.35
N PHE B 40 -10.36 21.54 -20.17
CA PHE B 40 -10.51 21.02 -21.53
C PHE B 40 -9.70 19.76 -21.71
N ASP B 41 -10.29 18.80 -22.43
CA ASP B 41 -9.53 17.63 -22.84
C ASP B 41 -9.05 17.87 -24.28
N LEU B 42 -7.75 18.10 -24.45
CA LEU B 42 -7.17 18.42 -25.75
C LEU B 42 -7.38 17.26 -26.76
N GLN B 43 -7.51 16.02 -26.28
CA GLN B 43 -7.86 14.89 -27.19
C GLN B 43 -9.13 15.17 -27.95
N GLN B 44 -10.01 16.00 -27.38
CA GLN B 44 -11.32 16.25 -27.99
C GLN B 44 -11.35 17.46 -28.91
N GLY B 45 -10.28 18.25 -28.93
CA GLY B 45 -10.23 19.40 -29.81
C GLY B 45 -9.52 20.56 -29.13
N PHE B 46 -9.36 21.64 -29.88
CA PHE B 46 -8.60 22.82 -29.45
C PHE B 46 -9.56 23.92 -28.97
N PRO B 47 -9.28 24.54 -27.79
CA PRO B 47 -10.23 25.51 -27.18
C PRO B 47 -10.20 26.92 -27.83
N ALA B 48 -10.58 26.97 -29.09
CA ALA B 48 -10.75 28.21 -29.84
C ALA B 48 -12.19 28.71 -29.76
N VAL B 49 -12.39 29.97 -29.37
CA VAL B 49 -13.72 30.62 -29.50
C VAL B 49 -14.26 30.55 -30.94
N THR B 50 -15.55 30.23 -31.09
CA THR B 50 -16.18 30.16 -32.40
C THR B 50 -17.27 31.24 -32.61
N THR B 51 -17.73 31.87 -31.54
CA THR B 51 -18.72 32.96 -31.62
C THR B 51 -18.10 34.30 -32.08
N LYS B 52 -16.77 34.33 -32.16
CA LYS B 52 -16.02 35.37 -32.87
C LYS B 52 -14.79 34.72 -33.49
N LYS B 53 -14.09 35.41 -34.37
CA LYS B 53 -12.86 34.86 -34.95
C LYS B 53 -11.74 34.99 -33.94
N LEU B 54 -11.12 33.87 -33.57
CA LEU B 54 -9.93 33.90 -32.73
C LEU B 54 -8.76 34.46 -33.53
N ALA B 55 -8.01 35.38 -32.94
CA ALA B 55 -6.78 35.87 -33.55
C ALA B 55 -5.71 34.80 -33.30
N PHE B 56 -5.87 33.66 -33.95
CA PHE B 56 -5.05 32.49 -33.67
C PHE B 56 -3.58 32.75 -33.98
N LYS B 57 -3.29 33.30 -35.14
CA LYS B 57 -1.88 33.53 -35.48
C LYS B 57 -1.25 34.57 -34.57
N SER B 58 -2.04 35.51 -34.09
CA SER B 58 -1.50 36.52 -33.17
C SER B 58 -1.09 35.89 -31.82
N ALA B 59 -1.93 34.97 -31.35
CA ALA B 59 -1.68 34.26 -30.10
C ALA B 59 -0.50 33.32 -30.25
N ILE B 60 -0.44 32.58 -31.37
CA ILE B 60 0.73 31.73 -31.61
C ILE B 60 2.03 32.56 -31.70
N GLY B 61 1.97 33.72 -32.37
CA GLY B 61 3.16 34.57 -32.44
C GLY B 61 3.58 35.06 -31.10
N GLU B 62 2.61 35.34 -30.23
CA GLU B 62 2.97 35.81 -28.88
C GLU B 62 3.66 34.69 -28.12
N LEU B 63 3.15 33.47 -28.25
CA LEU B 63 3.74 32.34 -27.53
C LEU B 63 5.16 32.09 -28.00
N VAL B 64 5.36 32.13 -29.31
CA VAL B 64 6.68 31.87 -29.87
C VAL B 64 7.62 32.96 -29.35
N GLY B 65 7.15 34.19 -29.33
CA GLY B 65 7.95 35.26 -28.75
C GLY B 65 8.39 34.99 -27.32
N PHE B 66 7.45 34.56 -26.49
CA PHE B 66 7.77 34.19 -25.13
C PHE B 66 8.77 33.03 -25.07
N LEU B 67 8.55 32.00 -25.89
CA LEU B 67 9.50 30.89 -25.96
C LEU B 67 10.92 31.36 -26.24
N ARG B 68 11.05 32.38 -27.07
CA ARG B 68 12.32 33.00 -27.42
C ARG B 68 12.82 34.07 -26.46
N ALA B 69 12.15 34.27 -25.32
CA ALA B 69 12.57 35.27 -24.33
C ALA B 69 12.68 36.68 -24.95
N THR B 70 11.64 37.04 -25.71
CA THR B 70 11.58 38.28 -26.47
C THR B 70 11.18 39.44 -25.57
N ARG B 71 11.94 40.53 -25.64
CA ARG B 71 11.52 41.72 -24.94
C ARG B 71 11.30 42.93 -25.90
N SER B 72 11.33 42.69 -27.21
CA SER B 72 11.08 43.72 -28.23
C SER B 72 9.73 43.54 -28.94
N ALA B 73 8.89 44.59 -28.96
CA ALA B 73 7.64 44.53 -29.73
C ALA B 73 7.92 44.35 -31.24
N ALA B 74 9.09 44.78 -31.70
CA ALA B 74 9.43 44.58 -33.13
C ALA B 74 9.56 43.10 -33.42
N GLU B 75 10.16 42.35 -32.50
CA GLU B 75 10.27 40.89 -32.68
C GLU B 75 8.94 40.18 -32.59
N PHE B 76 8.05 40.62 -31.69
CA PHE B 76 6.67 40.16 -31.68
C PHE B 76 5.97 40.43 -33.01
N ARG B 77 6.11 41.66 -33.51
CA ARG B 77 5.51 41.98 -34.82
C ARG B 77 5.99 41.05 -35.96
N ALA B 78 7.28 40.73 -35.96
CA ALA B 78 7.89 39.84 -36.96
C ALA B 78 7.32 38.40 -36.87
N LEU B 79 6.79 38.05 -35.69
CA LEU B 79 6.15 36.76 -35.43
C LEU B 79 4.63 36.81 -35.62
N GLY B 80 4.12 37.92 -36.16
CA GLY B 80 2.69 38.03 -36.42
C GLY B 80 1.87 38.55 -35.25
N CYS B 81 2.52 39.23 -34.32
CA CYS B 81 1.88 39.65 -33.11
C CYS B 81 2.06 41.14 -32.82
N LYS B 82 0.96 41.89 -32.89
CA LYS B 82 0.96 43.35 -32.63
C LYS B 82 0.48 43.79 -31.25
N VAL B 83 0.25 42.83 -30.36
CA VAL B 83 -0.48 43.16 -29.13
C VAL B 83 0.34 43.94 -28.12
N TRP B 84 1.64 43.97 -28.34
CA TRP B 84 2.56 44.68 -27.43
C TRP B 84 2.88 46.07 -27.83
N ASP B 85 2.45 46.50 -29.02
CA ASP B 85 2.88 47.80 -29.54
C ASP B 85 2.55 48.99 -28.66
N ALA B 86 1.32 49.08 -28.19
CA ALA B 86 0.88 50.18 -27.31
C ALA B 86 1.55 50.19 -25.95
N ASN B 87 1.66 49.01 -25.34
CA ASN B 87 2.38 48.92 -24.06
C ASN B 87 3.85 49.34 -24.16
N ALA B 88 4.48 49.04 -25.29
CA ALA B 88 5.89 49.37 -25.48
C ALA B 88 6.13 50.82 -25.77
N ASN B 89 5.23 51.46 -26.54
CA ASN B 89 5.55 52.70 -27.16
C ASN B 89 4.63 53.87 -26.84
N GLU B 90 3.46 53.57 -26.26
CA GLU B 90 2.50 54.64 -25.94
CA GLU B 90 2.46 54.59 -25.95
C GLU B 90 2.19 54.78 -24.46
N ASN B 91 2.20 53.66 -23.71
CA ASN B 91 1.90 53.67 -22.29
C ASN B 91 2.79 54.69 -21.54
N ALA B 92 2.17 55.69 -20.94
CA ALA B 92 2.92 56.83 -20.41
C ALA B 92 3.79 56.41 -19.22
N GLN B 93 3.27 55.51 -18.42
CA GLN B 93 3.97 55.05 -17.20
CA GLN B 93 3.96 55.09 -17.20
C GLN B 93 5.24 54.32 -17.62
N TRP B 94 5.12 53.46 -18.61
CA TRP B 94 6.30 52.73 -19.14
C TRP B 94 7.27 53.61 -19.86
N LEU B 95 6.75 54.60 -20.60
CA LEU B 95 7.64 55.51 -21.29
C LEU B 95 8.50 56.29 -20.27
N ALA B 96 7.97 56.52 -19.06
CA ALA B 96 8.67 57.22 -17.96
C ALA B 96 9.55 56.30 -17.10
N ASN B 97 9.52 55.00 -17.39
CA ASN B 97 10.21 53.99 -16.57
C ASN B 97 11.69 53.94 -17.00
N PRO B 98 12.62 54.16 -16.06
CA PRO B 98 14.04 54.23 -16.45
C PRO B 98 14.66 52.92 -16.89
N TYR B 99 13.93 51.81 -16.72
CA TYR B 99 14.36 50.49 -17.21
C TYR B 99 14.03 50.21 -18.66
N ARG B 100 13.20 51.03 -19.28
CA ARG B 100 12.83 50.86 -20.69
C ARG B 100 14.02 51.33 -21.52
N ARG B 101 14.51 50.48 -22.40
CA ARG B 101 15.76 50.75 -23.09
C ARG B 101 15.56 51.75 -24.24
N GLY B 102 14.33 51.89 -24.67
CA GLY B 102 13.99 52.71 -25.84
C GLY B 102 12.88 52.06 -26.65
N ALA B 103 12.74 52.49 -27.89
CA ALA B 103 11.64 52.06 -28.72
C ALA B 103 11.46 50.53 -28.76
N ASP B 104 10.21 50.10 -28.63
CA ASP B 104 9.75 48.69 -28.71
C ASP B 104 10.15 47.82 -27.51
N ASP B 105 10.90 48.38 -26.57
CA ASP B 105 11.35 47.59 -25.39
C ASP B 105 10.17 47.35 -24.47
N LEU B 106 10.17 46.18 -23.83
CA LEU B 106 9.13 45.79 -22.87
C LEU B 106 9.70 45.46 -21.52
N GLY B 107 11.01 45.45 -21.39
CA GLY B 107 11.63 44.86 -20.25
C GLY B 107 11.53 43.39 -20.19
N ASP B 108 12.04 42.82 -19.11
CA ASP B 108 12.13 41.36 -18.97
C ASP B 108 10.81 40.65 -18.61
N VAL B 109 9.84 40.77 -19.49
CA VAL B 109 8.53 40.22 -19.30
C VAL B 109 8.45 38.74 -19.71
N TYR B 110 7.54 38.02 -19.05
CA TYR B 110 7.09 36.69 -19.49
C TYR B 110 8.21 35.74 -19.84
N GLY B 111 8.46 35.46 -21.13
CA GLY B 111 9.45 34.48 -21.48
C GLY B 111 10.85 34.74 -21.02
N VAL B 112 11.22 36.00 -20.74
CA VAL B 112 12.53 36.26 -20.18
C VAL B 112 12.64 35.63 -18.79
N GLN B 113 11.58 35.72 -18.02
CA GLN B 113 11.52 35.01 -16.77
C GLN B 113 11.36 33.49 -16.93
N TRP B 114 10.63 33.00 -17.94
CA TRP B 114 10.47 31.58 -18.14
C TRP B 114 11.76 30.89 -18.51
N ARG B 115 12.58 31.59 -19.31
CA ARG B 115 13.80 31.00 -19.89
C ARG B 115 15.10 31.49 -19.35
N ARG B 116 15.09 32.64 -18.73
CA ARG B 116 16.29 33.36 -18.36
C ARG B 116 16.10 34.11 -17.04
N TRP B 117 15.40 33.49 -16.10
CA TRP B 117 15.17 34.12 -14.80
C TRP B 117 16.48 34.48 -14.14
N PRO B 118 16.70 35.75 -13.76
CA PRO B 118 17.99 36.10 -13.15
C PRO B 118 18.03 35.69 -11.68
N GLY B 119 18.71 34.59 -11.41
CA GLY B 119 18.80 34.03 -10.08
C GLY B 119 20.16 34.34 -9.50
N TYR B 120 20.17 34.82 -8.27
CA TYR B 120 21.41 35.19 -7.59
C TYR B 120 21.54 34.51 -6.23
N LYS B 121 22.79 34.31 -5.80
CA LYS B 121 23.10 33.86 -4.45
C LYS B 121 24.22 34.73 -3.99
N VAL B 122 24.14 35.14 -2.73
CA VAL B 122 25.28 35.78 -2.08
C VAL B 122 25.74 34.80 -0.99
N LEU B 123 26.91 34.20 -1.19
CA LEU B 123 27.48 33.20 -0.29
C LEU B 123 28.74 33.77 0.39
N ASP B 124 29.10 33.20 1.53
CA ASP B 124 30.40 33.52 2.10
C ASP B 124 31.48 33.03 1.16
N ALA B 125 32.55 33.82 1.03
CA ALA B 125 33.62 33.52 0.08
C ALA B 125 34.29 32.16 0.34
N HIS B 126 34.21 31.66 1.57
CA HIS B 126 34.83 30.39 1.94
C HIS B 126 33.84 29.31 2.26
N ALA B 127 32.59 29.47 1.80
CA ALA B 127 31.57 28.43 1.90
C ALA B 127 31.76 27.44 0.75
N ASP B 128 32.87 26.70 0.76
CA ASP B 128 33.28 25.94 -0.42
C ASP B 128 32.26 24.93 -0.87
N ALA B 129 31.64 24.24 0.08
CA ALA B 129 30.66 23.21 -0.30
C ALA B 129 29.42 23.84 -0.95
N GLN B 130 28.96 24.97 -0.44
CA GLN B 130 27.81 25.66 -1.08
C GLN B 130 28.19 26.17 -2.46
N ILE B 131 29.38 26.75 -2.58
CA ILE B 131 29.86 27.25 -3.89
C ILE B 131 29.95 26.10 -4.91
N ALA B 132 30.53 24.96 -4.52
CA ALA B 132 30.68 23.85 -5.44
C ALA B 132 29.33 23.30 -5.83
N ASP B 133 28.39 23.28 -4.89
CA ASP B 133 27.08 22.81 -5.22
C ASP B 133 26.40 23.76 -6.23
N ALA B 134 26.48 25.04 -5.97
CA ALA B 134 25.82 26.05 -6.83
C ALA B 134 26.41 25.98 -8.25
N THR B 135 27.71 25.87 -8.32
CA THR B 135 28.36 25.86 -9.62
C THR B 135 28.06 24.56 -10.36
N SER B 136 27.93 23.44 -9.62
CA SER B 136 27.48 22.17 -10.27
C SER B 136 26.10 22.30 -10.91
N ARG B 137 25.26 23.19 -10.38
CA ARG B 137 23.90 23.44 -10.89
C ARG B 137 23.81 24.62 -11.87
N GLY B 138 24.94 25.11 -12.34
CA GLY B 138 24.95 26.15 -13.40
C GLY B 138 25.15 27.60 -12.94
N PHE B 139 25.20 27.86 -11.63
CA PHE B 139 25.57 29.20 -11.13
C PHE B 139 27.02 29.48 -11.41
N ARG B 140 27.34 30.74 -11.71
CA ARG B 140 28.74 31.15 -11.86
C ARG B 140 29.04 32.34 -11.00
N ILE B 141 30.28 32.40 -10.53
CA ILE B 141 30.72 33.49 -9.68
C ILE B 141 30.90 34.71 -10.55
N VAL B 142 30.21 35.78 -10.22
CA VAL B 142 30.31 37.00 -10.99
C VAL B 142 31.06 38.14 -10.27
N ALA B 143 31.12 38.08 -8.95
CA ALA B 143 31.82 39.13 -8.20
C ALA B 143 32.27 38.62 -6.86
N ARG B 144 33.31 39.24 -6.33
CA ARG B 144 33.75 39.00 -4.96
C ARG B 144 33.77 40.39 -4.34
N PHE B 145 33.21 40.50 -3.16
CA PHE B 145 33.10 41.78 -2.47
C PHE B 145 33.04 41.56 -0.97
N GLU B 146 33.31 42.64 -0.24
CA GLU B 146 33.15 42.67 1.19
C GLU B 146 31.84 43.38 1.52
N GLU B 147 31.06 42.84 2.44
CA GLU B 147 29.85 43.48 2.92
C GLU B 147 29.76 43.29 4.44
N GLY B 148 29.67 44.40 5.18
CA GLY B 148 29.53 44.33 6.64
C GLY B 148 30.61 43.52 7.34
N GLY B 149 31.83 43.59 6.84
CA GLY B 149 32.95 42.86 7.39
C GLY B 149 33.16 41.42 6.94
N ALA B 150 32.25 40.88 6.12
CA ALA B 150 32.36 39.47 5.67
C ALA B 150 32.68 39.44 4.19
N ASP B 151 33.57 38.54 3.81
CA ASP B 151 33.97 38.39 2.42
C ASP B 151 32.92 37.50 1.76
N LYS B 152 32.35 38.00 0.66
CA LYS B 152 31.26 37.32 -0.07
C LYS B 152 31.59 37.09 -1.53
N VAL B 153 30.86 36.15 -2.13
CA VAL B 153 30.82 35.98 -3.57
C VAL B 153 29.37 36.09 -4.05
N LEU B 154 29.20 36.75 -5.19
CA LEU B 154 27.93 36.81 -5.87
C LEU B 154 27.93 35.72 -6.94
N LEU B 155 26.91 34.88 -6.91
CA LEU B 155 26.72 33.88 -7.95
C LEU B 155 25.45 34.22 -8.73
N HIS B 156 25.48 33.93 -10.03
CA HIS B 156 24.35 34.17 -10.94
C HIS B 156 24.08 32.95 -11.81
N LYS B 157 22.81 32.68 -12.05
CA LYS B 157 22.39 31.76 -13.09
C LYS B 157 21.15 32.38 -13.79
N ALA B 158 21.17 32.41 -15.14
CA ALA B 158 19.98 32.68 -15.89
C ALA B 158 19.18 31.38 -15.98
N ILE B 159 18.15 31.27 -15.14
CA ILE B 159 17.50 30.01 -14.96
C ILE B 159 16.46 29.72 -16.03
N ASP B 160 16.66 28.62 -16.75
CA ASP B 160 15.74 28.21 -17.78
C ASP B 160 14.71 27.27 -17.19
N GLN B 161 13.68 27.86 -16.57
CA GLN B 161 12.71 27.07 -15.86
C GLN B 161 12.00 26.17 -16.84
N LEU B 162 11.64 26.71 -18.02
CA LEU B 162 10.93 25.89 -19.01
C LEU B 162 11.76 24.67 -19.45
N ARG B 163 12.99 24.90 -19.92
CA ARG B 163 13.83 23.79 -20.32
C ARG B 163 14.08 22.79 -19.20
N ASP B 164 14.26 23.27 -17.96
CA ASP B 164 14.34 22.41 -16.77
C ASP B 164 13.05 21.55 -16.67
N CYS B 165 11.88 22.12 -16.95
CA CYS B 165 10.64 21.36 -16.93
C CYS B 165 10.68 20.22 -17.96
N LEU B 166 11.11 20.50 -19.18
CA LEU B 166 11.11 19.43 -20.22
C LEU B 166 12.11 18.34 -19.79
N ASP B 167 13.25 18.77 -19.24
CA ASP B 167 14.27 17.80 -18.74
C ASP B 167 13.68 16.89 -17.69
N THR B 168 12.86 17.45 -16.80
CA THR B 168 12.34 16.71 -15.69
C THR B 168 11.27 15.73 -16.24
N ILE B 169 10.52 16.20 -17.22
CA ILE B 169 9.46 15.36 -17.79
C ILE B 169 10.09 14.07 -18.36
N VAL B 170 11.20 14.24 -19.07
CA VAL B 170 11.92 13.11 -19.69
C VAL B 170 12.66 12.26 -18.64
N ARG B 171 13.27 12.89 -17.62
CA ARG B 171 14.10 12.21 -16.61
C ARG B 171 13.32 11.63 -15.41
N ASP B 172 12.29 12.36 -14.96
CA ASP B 172 11.65 12.06 -13.70
C ASP B 172 10.19 12.50 -13.78
N PRO B 173 9.36 11.81 -14.63
CA PRO B 173 8.03 12.28 -14.92
C PRO B 173 7.07 12.19 -13.76
N SER B 174 7.42 11.42 -12.72
CA SER B 174 6.57 11.30 -11.55
C SER B 174 6.71 12.54 -10.62
N SER B 175 7.68 13.41 -10.90
CA SER B 175 7.85 14.64 -10.09
C SER B 175 6.58 15.47 -10.04
N ARG B 176 6.29 16.05 -8.87
CA ARG B 176 5.12 16.92 -8.73
C ARG B 176 5.56 18.41 -8.63
N ARG B 177 6.76 18.68 -9.15
CA ARG B 177 7.37 20.02 -9.05
C ARG B 177 7.72 20.57 -10.44
N ILE B 178 7.06 20.07 -11.47
CA ILE B 178 7.33 20.44 -12.84
C ILE B 178 6.49 21.65 -13.22
N LEU B 179 7.03 22.81 -12.87
CA LEU B 179 6.32 24.03 -13.13
C LEU B 179 7.27 25.17 -13.42
N PHE B 180 6.74 26.22 -14.05
CA PHE B 180 7.49 27.47 -14.20
C PHE B 180 6.55 28.63 -14.02
N HIS B 181 7.09 29.79 -13.66
CA HIS B 181 6.21 30.94 -13.64
C HIS B 181 6.95 32.21 -13.92
N GLY B 182 6.18 33.28 -14.16
CA GLY B 182 6.80 34.54 -14.57
C GLY B 182 6.64 35.70 -13.63
N TRP B 183 6.34 35.42 -12.35
CA TRP B 183 6.17 36.46 -11.37
C TRP B 183 7.41 36.61 -10.51
N ASN B 184 8.30 37.50 -10.92
CA ASN B 184 9.58 37.72 -10.21
C ASN B 184 9.47 39.01 -9.44
N PRO B 185 9.29 38.91 -8.11
CA PRO B 185 9.06 40.13 -7.31
C PRO B 185 10.19 41.17 -7.39
N ALA B 186 11.41 40.75 -7.75
CA ALA B 186 12.55 41.65 -7.75
C ALA B 186 12.56 42.62 -8.97
N VAL B 187 11.74 42.34 -9.97
CA VAL B 187 11.75 43.11 -11.20
C VAL B 187 10.36 43.64 -11.61
N LEU B 188 9.38 43.62 -10.71
CA LEU B 188 8.08 44.21 -11.02
C LEU B 188 8.13 45.67 -11.41
N ASP B 189 9.19 46.40 -10.97
CA ASP B 189 9.38 47.77 -11.27
C ASP B 189 10.14 48.04 -12.58
N GLU B 190 10.53 46.97 -13.27
CA GLU B 190 11.39 47.05 -14.46
C GLU B 190 10.71 46.68 -15.75
N ILE B 191 9.38 46.58 -15.77
CA ILE B 191 8.69 45.92 -16.89
C ILE B 191 7.45 46.67 -17.33
N ALA B 192 7.10 46.49 -18.60
CA ALA B 192 5.97 47.17 -19.21
C ALA B 192 4.64 46.74 -18.59
N LEU B 193 4.53 45.46 -18.22
CA LEU B 193 3.35 44.87 -17.55
C LEU B 193 3.75 43.65 -16.75
N PRO B 194 3.11 43.43 -15.59
CA PRO B 194 3.38 42.26 -14.75
C PRO B 194 2.59 41.08 -15.30
N ALA B 195 3.07 39.86 -15.07
CA ALA B 195 2.51 38.67 -15.74
C ALA B 195 1.04 38.55 -15.40
N CYS B 196 0.23 38.29 -16.43
CA CYS B 196 -1.21 38.02 -16.30
CA CYS B 196 -1.17 38.02 -16.25
C CYS B 196 -1.40 36.52 -16.24
N HIS B 197 -0.90 35.83 -17.27
CA HIS B 197 -0.85 34.38 -17.26
C HIS B 197 0.44 34.09 -16.55
N LEU B 198 0.35 33.45 -15.38
CA LEU B 198 1.40 33.55 -14.39
C LEU B 198 2.20 32.27 -14.22
N LEU B 199 1.50 31.14 -13.97
CA LEU B 199 2.15 29.87 -13.54
C LEU B 199 1.66 28.77 -14.40
N TYR B 200 2.59 27.94 -14.90
CA TYR B 200 2.27 26.81 -15.76
C TYR B 200 2.84 25.56 -15.09
N GLN B 201 2.02 24.55 -14.83
CA GLN B 201 2.48 23.32 -14.18
C GLN B 201 2.13 22.16 -15.10
N PHE B 202 3.13 21.33 -15.42
CA PHE B 202 2.92 20.15 -16.27
C PHE B 202 2.74 18.93 -15.39
N LEU B 203 1.85 18.02 -15.79
CA LEU B 203 1.55 16.87 -14.96
C LEU B 203 1.56 15.64 -15.87
N PRO B 204 2.72 15.00 -15.97
CA PRO B 204 2.75 13.77 -16.78
C PRO B 204 2.01 12.59 -16.10
N ASN B 205 1.35 11.78 -16.92
CA ASN B 205 0.72 10.53 -16.47
C ASN B 205 1.58 9.45 -17.16
N VAL B 206 2.49 8.86 -16.37
CA VAL B 206 3.54 7.99 -16.86
C VAL B 206 2.89 6.77 -17.47
N GLU B 207 1.91 6.22 -16.76
CA GLU B 207 1.24 4.97 -17.20
C GLU B 207 0.45 5.09 -18.52
N ARG B 208 -0.21 6.22 -18.74
CA ARG B 208 -0.97 6.46 -19.96
C ARG B 208 -0.18 7.24 -21.01
N ARG B 209 1.05 7.63 -20.70
CA ARG B 209 1.87 8.44 -21.61
C ARG B 209 1.09 9.67 -22.09
N GLU B 210 0.45 10.36 -21.14
CA GLU B 210 -0.33 11.57 -21.44
C GLU B 210 0.25 12.68 -20.61
N ILE B 211 0.10 13.91 -21.07
CA ILE B 211 0.60 15.05 -20.27
C ILE B 211 -0.47 16.12 -20.20
N SER B 212 -0.63 16.70 -18.99
CA SER B 212 -1.65 17.71 -18.75
C SER B 212 -0.97 19.01 -18.30
N LEU B 213 -1.71 20.10 -18.39
CA LEU B 213 -1.20 21.44 -18.01
C LEU B 213 -2.24 22.14 -17.12
N CYS B 214 -1.76 22.80 -16.06
CA CYS B 214 -2.56 23.66 -15.23
C CYS B 214 -1.95 25.05 -15.37
N LEU B 215 -2.77 26.05 -15.65
CA LEU B 215 -2.30 27.40 -15.91
C LEU B 215 -3.05 28.34 -14.97
N TYR B 216 -2.32 29.13 -14.18
CA TYR B 216 -2.92 30.09 -13.25
C TYR B 216 -2.80 31.46 -13.87
N ILE B 217 -3.95 32.11 -14.00
CA ILE B 217 -4.10 33.45 -14.56
C ILE B 217 -4.47 34.42 -13.46
N ARG B 218 -3.65 35.46 -13.25
CA ARG B 218 -3.92 36.43 -12.22
C ARG B 218 -5.18 37.26 -12.51
N SER B 219 -5.32 37.64 -13.77
CA SER B 219 -6.37 38.55 -14.15
C SER B 219 -6.65 38.36 -15.62
N ASN B 220 -7.92 38.30 -16.01
CA ASN B 220 -8.29 38.12 -17.43
C ASN B 220 -9.46 39.04 -17.72
N ASP B 221 -9.36 39.76 -18.83
CA ASP B 221 -10.51 40.21 -19.58
C ASP B 221 -11.09 38.95 -20.26
N VAL B 222 -12.25 38.52 -19.78
CA VAL B 222 -12.78 37.25 -20.24
C VAL B 222 -13.23 37.36 -21.70
N GLY B 223 -13.57 38.58 -22.13
CA GLY B 223 -14.00 38.81 -23.51
C GLY B 223 -12.83 38.69 -24.46
N LEU B 224 -11.80 39.51 -24.24
CA LEU B 224 -10.71 39.65 -25.21
C LEU B 224 -9.45 38.90 -24.84
N GLY B 225 -9.20 38.67 -23.55
CA GLY B 225 -7.96 38.02 -23.12
C GLY B 225 -8.06 36.52 -23.01
N THR B 226 -9.13 36.02 -22.39
CA THR B 226 -9.28 34.58 -22.14
C THR B 226 -9.12 33.74 -23.43
N PRO B 227 -9.76 34.15 -24.53
CA PRO B 227 -9.60 33.31 -25.74
C PRO B 227 -8.15 33.16 -26.24
N PHE B 228 -7.40 34.24 -26.10
CA PHE B 228 -6.01 34.34 -26.45
C PHE B 228 -5.14 33.41 -25.62
N ASN B 229 -5.26 33.54 -24.29
CA ASN B 229 -4.51 32.72 -23.35
C ASN B 229 -4.85 31.22 -23.41
N LEU B 230 -6.11 30.88 -23.70
CA LEU B 230 -6.51 29.48 -23.93
C LEU B 230 -5.76 28.89 -25.14
N ALA B 231 -5.67 29.65 -26.22
CA ALA B 231 -4.94 29.22 -27.41
C ALA B 231 -3.49 28.97 -27.12
N GLU B 232 -2.85 29.93 -26.46
CA GLU B 232 -1.44 29.85 -26.13
CA GLU B 232 -1.44 29.83 -26.16
C GLU B 232 -1.13 28.65 -25.25
N GLY B 233 -1.94 28.47 -24.22
CA GLY B 233 -1.72 27.37 -23.27
C GLY B 233 -1.86 26.00 -23.93
N ALA B 234 -2.92 25.85 -24.69
CA ALA B 234 -3.14 24.60 -25.43
C ALA B 234 -1.99 24.31 -26.40
N ALA B 235 -1.58 25.34 -27.13
CA ALA B 235 -0.46 25.20 -28.07
C ALA B 235 0.82 24.79 -27.37
N LEU B 236 1.12 25.43 -26.24
CA LEU B 236 2.31 25.09 -25.48
C LEU B 236 2.32 23.65 -25.02
N LEU B 237 1.18 23.18 -24.51
CA LEU B 237 1.11 21.83 -23.98
C LEU B 237 1.35 20.84 -25.14
N THR B 238 0.86 21.21 -26.32
CA THR B 238 0.97 20.35 -27.52
C THR B 238 2.45 20.25 -27.93
N LEU B 239 3.16 21.39 -27.88
CA LEU B 239 4.59 21.43 -28.23
C LEU B 239 5.41 20.65 -27.20
N VAL B 240 5.07 20.84 -25.93
CA VAL B 240 5.82 20.15 -24.87
C VAL B 240 5.62 18.63 -24.99
N GLY B 241 4.38 18.18 -25.25
CA GLY B 241 4.16 16.73 -25.46
C GLY B 241 4.95 16.11 -26.62
N ARG B 242 4.95 16.83 -27.74
CA ARG B 242 5.74 16.44 -28.90
C ARG B 242 7.23 16.23 -28.57
N LEU B 243 7.82 17.17 -27.83
CA LEU B 243 9.23 17.09 -27.53
C LEU B 243 9.57 16.16 -26.36
N THR B 244 8.58 15.70 -25.59
CA THR B 244 8.85 14.86 -24.42
C THR B 244 8.28 13.43 -24.46
N GLY B 245 7.52 13.08 -25.51
CA GLY B 245 7.00 11.71 -25.72
C GLY B 245 5.65 11.45 -25.08
N TYR B 246 4.90 12.52 -24.77
CA TYR B 246 3.58 12.43 -24.13
C TYR B 246 2.49 13.04 -25.00
N SER B 247 1.34 12.38 -25.03
CA SER B 247 0.18 12.89 -25.73
CA SER B 247 0.20 12.91 -25.74
C SER B 247 -0.51 13.95 -24.87
N PRO B 248 -0.84 15.11 -25.46
CA PRO B 248 -1.51 16.15 -24.65
C PRO B 248 -2.91 15.75 -24.23
N ARG B 249 -3.25 16.06 -22.98
CA ARG B 249 -4.52 15.64 -22.44
C ARG B 249 -5.29 16.80 -21.78
N TRP B 250 -5.27 16.90 -20.45
CA TRP B 250 -6.08 17.92 -19.78
C TRP B 250 -5.39 19.27 -19.74
N PHE B 251 -6.16 20.32 -20.00
CA PHE B 251 -5.71 21.68 -19.92
C PHE B 251 -6.67 22.39 -18.98
N THR B 252 -6.18 22.70 -17.78
CA THR B 252 -7.00 23.33 -16.76
C THR B 252 -6.54 24.79 -16.60
N TYR B 253 -7.51 25.68 -16.69
CA TYR B 253 -7.28 27.12 -16.74
C TYR B 253 -7.94 27.73 -15.52
N PHE B 254 -7.12 28.22 -14.61
CA PHE B 254 -7.60 28.76 -13.36
C PHE B 254 -7.47 30.27 -13.41
N ILE B 255 -8.55 30.99 -13.07
CA ILE B 255 -8.55 32.44 -13.18
C ILE B 255 -8.85 33.05 -11.83
N GLY B 256 -7.97 33.97 -11.42
CA GLY B 256 -8.19 34.71 -10.21
C GLY B 256 -9.21 35.81 -10.41
N ASP B 257 -8.83 36.90 -11.07
CA ASP B 257 -9.76 38.02 -11.31
C ASP B 257 -10.35 37.84 -12.71
N ALA B 258 -11.54 37.27 -12.77
CA ALA B 258 -12.25 37.06 -14.02
C ALA B 258 -13.28 38.17 -14.21
N HIS B 259 -13.06 39.05 -15.19
CA HIS B 259 -13.93 40.22 -15.37
C HIS B 259 -14.25 40.53 -16.80
N ILE B 260 -15.29 41.35 -16.97
CA ILE B 260 -15.74 41.82 -18.25
C ILE B 260 -15.83 43.33 -18.17
N TYR B 261 -15.40 44.02 -19.23
CA TYR B 261 -15.44 45.48 -19.29
C TYR B 261 -16.80 45.96 -19.73
N GLU B 262 -17.30 47.04 -19.09
CA GLU B 262 -18.62 47.58 -19.40
C GLU B 262 -18.80 47.92 -20.88
N ASN B 263 -17.76 48.48 -21.50
CA ASN B 263 -17.84 48.86 -22.93
C ASN B 263 -17.74 47.67 -23.90
N GLN B 264 -17.68 46.44 -23.37
CA GLN B 264 -17.74 45.23 -24.21
C GLN B 264 -19.11 44.52 -24.12
N LEU B 265 -20.02 45.01 -23.29
CA LEU B 265 -21.26 44.27 -22.98
C LEU B 265 -22.12 43.85 -24.18
N ASP B 266 -22.46 44.82 -25.04
CA ASP B 266 -23.27 44.54 -26.23
C ASP B 266 -22.57 43.51 -27.13
N MET B 267 -21.28 43.69 -27.38
CA MET B 267 -20.52 42.76 -28.22
C MET B 267 -20.61 41.33 -27.68
N LEU B 268 -20.30 41.16 -26.39
CA LEU B 268 -20.38 39.85 -25.73
C LEU B 268 -21.81 39.31 -25.72
N LYS B 269 -22.77 40.20 -25.50
CA LYS B 269 -24.19 39.84 -25.51
C LYS B 269 -24.57 39.16 -26.83
N GLN B 270 -24.13 39.72 -27.95
CA GLN B 270 -24.39 39.15 -29.28
C GLN B 270 -23.72 37.77 -29.47
N GLN B 271 -22.54 37.58 -28.87
CA GLN B 271 -21.87 36.27 -28.90
C GLN B 271 -22.66 35.21 -28.13
N LEU B 272 -23.21 35.60 -26.99
CA LEU B 272 -23.99 34.69 -26.16
C LEU B 272 -25.25 34.20 -26.87
N GLU B 273 -25.72 34.97 -27.86
CA GLU B 273 -26.89 34.59 -28.67
C GLU B 273 -26.52 33.74 -29.90
N ARG B 274 -25.27 33.82 -30.36
CA ARG B 274 -24.84 33.07 -31.56
C ARG B 274 -24.66 31.57 -31.28
N GLU B 275 -24.96 30.75 -32.28
CA GLU B 275 -24.83 29.28 -32.19
C GLU B 275 -23.35 28.85 -32.23
N PRO B 276 -22.86 28.15 -31.19
CA PRO B 276 -21.44 27.76 -31.16
C PRO B 276 -21.11 26.58 -32.09
N PHE B 277 -19.99 26.68 -32.81
CA PHE B 277 -19.54 25.60 -33.69
C PHE B 277 -18.72 24.61 -32.88
N GLU B 278 -18.58 23.39 -33.40
CA GLU B 278 -17.67 22.39 -32.81
C GLU B 278 -16.24 22.88 -32.87
N SER B 279 -15.42 22.42 -31.94
CA SER B 279 -14.01 22.82 -31.84
C SER B 279 -13.17 22.38 -33.04
N PRO B 280 -12.19 23.20 -33.44
CA PRO B 280 -11.25 22.77 -34.44
C PRO B 280 -10.20 21.88 -33.82
N ARG B 281 -9.23 21.47 -34.61
CA ARG B 281 -8.11 20.71 -34.10
C ARG B 281 -6.84 21.50 -34.41
N LEU B 282 -5.85 21.29 -33.59
CA LEU B 282 -4.56 21.95 -33.75
C LEU B 282 -3.63 20.95 -34.39
N GLU B 283 -2.94 21.36 -35.45
CA GLU B 283 -1.85 20.56 -35.98
C GLU B 283 -0.53 21.25 -35.73
N LEU B 284 0.39 20.49 -35.12
CA LEU B 284 1.75 20.92 -34.96
C LEU B 284 2.54 20.18 -36.05
N ALA B 285 3.23 20.95 -36.89
CA ALA B 285 3.85 20.47 -38.12
C ALA B 285 4.79 19.28 -37.89
N GLU B 286 4.79 18.36 -38.86
CA GLU B 286 5.57 17.11 -38.79
C GLU B 286 7.07 17.34 -38.68
N ARG B 287 7.57 18.47 -39.18
CA ARG B 287 8.98 18.79 -39.07
C ARG B 287 9.46 19.00 -37.62
N VAL B 288 8.54 19.27 -36.68
CA VAL B 288 8.90 19.27 -35.25
C VAL B 288 8.94 17.82 -34.81
N PRO B 289 10.15 17.30 -34.53
CA PRO B 289 10.30 15.84 -34.33
C PRO B 289 9.60 15.37 -33.06
N ASP B 290 9.07 14.16 -33.12
CA ASP B 290 8.29 13.56 -32.04
C ASP B 290 9.23 12.63 -31.29
N TYR B 291 9.55 12.99 -30.06
CA TYR B 291 10.45 12.21 -29.19
C TYR B 291 10.00 10.74 -28.97
N ALA B 292 8.69 10.49 -29.01
CA ALA B 292 8.17 9.15 -28.86
C ALA B 292 8.56 8.29 -30.03
N LYS B 293 8.81 8.91 -31.18
CA LYS B 293 9.18 8.19 -32.42
C LYS B 293 10.68 8.14 -32.62
N THR B 294 11.38 9.21 -32.23
CA THR B 294 12.80 9.30 -32.56
C THR B 294 13.70 8.81 -31.44
N GLY B 295 13.28 8.99 -30.19
CA GLY B 295 14.10 8.67 -29.04
C GLY B 295 15.25 9.66 -28.85
N LYS B 296 15.23 10.75 -29.62
CA LYS B 296 16.28 11.76 -29.59
C LYS B 296 15.72 13.01 -28.91
N TYR B 297 16.28 13.37 -27.76
CA TYR B 297 15.81 14.52 -27.02
C TYR B 297 16.35 15.81 -27.64
N GLU B 298 15.47 16.70 -28.08
CA GLU B 298 15.82 17.85 -28.89
C GLU B 298 15.06 19.09 -28.40
N PRO B 299 15.32 19.50 -27.14
CA PRO B 299 14.61 20.67 -26.59
C PRO B 299 14.94 22.00 -27.24
N GLN B 300 15.98 22.06 -28.08
CA GLN B 300 16.24 23.24 -28.92
C GLN B 300 15.06 23.64 -29.81
N TRP B 301 14.14 22.71 -30.06
CA TRP B 301 12.91 23.05 -30.77
C TRP B 301 12.02 24.06 -30.11
N LEU B 302 12.25 24.37 -28.84
CA LEU B 302 11.54 25.48 -28.19
C LEU B 302 11.85 26.81 -28.88
N GLU B 303 13.09 26.95 -29.34
CA GLU B 303 13.55 28.07 -30.17
C GLU B 303 13.28 27.96 -31.65
N ARG B 304 13.35 26.74 -32.18
CA ARG B 304 13.34 26.52 -33.64
C ARG B 304 11.92 26.54 -34.18
N VAL B 305 10.92 26.23 -33.33
CA VAL B 305 9.52 26.21 -33.81
C VAL B 305 9.13 27.65 -34.23
N GLU B 306 8.37 27.75 -35.32
CA GLU B 306 7.90 29.01 -35.88
C GLU B 306 6.38 29.06 -35.81
N PRO B 307 5.80 30.27 -35.89
CA PRO B 307 4.33 30.32 -35.91
C PRO B 307 3.67 29.44 -36.98
N SER B 308 4.27 29.37 -38.17
CA SER B 308 3.77 28.53 -39.27
C SER B 308 3.71 27.03 -38.95
N ASP B 309 4.37 26.61 -37.86
CA ASP B 309 4.32 25.20 -37.43
C ASP B 309 3.02 24.85 -36.72
N PHE B 310 2.24 25.86 -36.32
CA PHE B 310 0.94 25.67 -35.65
C PHE B 310 -0.20 26.07 -36.57
N THR B 311 -1.11 25.14 -36.88
CA THR B 311 -2.22 25.44 -37.77
C THR B 311 -3.54 24.94 -37.14
N LEU B 312 -4.62 25.68 -37.36
CA LEU B 312 -5.94 25.20 -36.94
C LEU B 312 -6.63 24.57 -38.13
N VAL B 313 -7.13 23.38 -37.92
CA VAL B 313 -7.80 22.64 -38.97
C VAL B 313 -9.28 22.52 -38.63
N GLY B 314 -10.13 22.67 -39.64
CA GLY B 314 -11.58 22.69 -39.47
C GLY B 314 -12.11 23.84 -38.64
N TYR B 315 -11.46 25.01 -38.68
CA TYR B 315 -11.90 26.14 -37.86
C TYR B 315 -13.09 26.89 -38.48
N ARG B 316 -14.27 26.67 -37.90
CA ARG B 316 -15.49 27.37 -38.32
C ARG B 316 -15.83 28.40 -37.23
N HIS B 317 -16.22 29.60 -37.65
CA HIS B 317 -16.52 30.68 -36.71
C HIS B 317 -17.52 31.67 -37.27
N HIS B 318 -18.19 32.37 -36.36
CA HIS B 318 -19.10 33.45 -36.70
C HIS B 318 -18.36 34.71 -37.03
N LYS C 6 -19.41 18.73 0.89
CA LYS C 6 -20.17 18.26 -0.29
C LYS C 6 -19.36 18.42 -1.58
N GLN C 7 -18.70 19.56 -1.72
CA GLN C 7 -17.76 19.77 -2.82
C GLN C 7 -16.57 18.88 -2.63
N TYR C 8 -16.09 18.86 -1.39
CA TYR C 8 -14.93 18.07 -1.03
C TYR C 8 -15.20 16.61 -1.32
N LEU C 9 -16.39 16.14 -0.94
CA LEU C 9 -16.82 14.77 -1.24
C LEU C 9 -16.97 14.48 -2.73
N ASP C 10 -17.50 15.45 -3.49
CA ASP C 10 -17.59 15.30 -4.95
C ASP C 10 -16.21 15.19 -5.59
N LEU C 11 -15.24 15.94 -5.05
CA LEU C 11 -13.87 15.85 -5.54
C LEU C 11 -13.31 14.46 -5.25
N VAL C 12 -13.48 13.99 -4.01
CA VAL C 12 -13.08 12.62 -3.64
C VAL C 12 -13.67 11.60 -4.62
N ARG C 13 -14.99 11.60 -4.78
CA ARG C 13 -15.69 10.69 -5.71
C ARG C 13 -15.15 10.80 -7.13
N THR C 14 -14.84 12.01 -7.58
CA THR C 14 -14.33 12.22 -8.93
C THR C 14 -12.96 11.60 -9.11
N ILE C 15 -12.10 11.75 -8.09
CA ILE C 15 -10.76 11.17 -8.17
C ILE C 15 -10.87 9.64 -8.20
N LEU C 16 -11.75 9.10 -7.38
CA LEU C 16 -11.98 7.65 -7.33
C LEU C 16 -12.55 7.13 -8.65
N ASP C 17 -13.56 7.82 -9.19
CA ASP C 17 -14.24 7.34 -10.41
C ASP C 17 -13.46 7.58 -11.72
N THR C 18 -12.74 8.68 -11.81
CA THR C 18 -12.12 9.13 -13.07
C THR C 18 -10.59 9.18 -13.04
N GLY C 19 -10.03 9.20 -11.83
CA GLY C 19 -8.58 9.24 -11.66
C GLY C 19 -7.86 8.03 -12.20
N THR C 20 -6.55 8.16 -12.34
CA THR C 20 -5.70 7.06 -12.78
C THR C 20 -4.65 6.79 -11.70
N TRP C 21 -4.23 5.51 -11.60
CA TRP C 21 -3.21 5.11 -10.64
C TRP C 21 -1.85 5.40 -11.20
N GLN C 22 -0.98 5.96 -10.37
CA GLN C 22 0.40 6.23 -10.75
C GLN C 22 1.27 5.71 -9.62
N SER C 23 2.33 4.98 -9.95
CA SER C 23 3.31 4.55 -8.95
C SER C 23 4.41 5.59 -8.69
N ASN C 24 5.16 5.35 -7.62
CA ASN C 24 6.20 6.27 -7.17
C ASN C 24 7.40 5.50 -6.62
N ARG C 25 8.53 6.20 -6.48
CA ARG C 25 9.73 5.61 -5.89
C ARG C 25 9.49 5.31 -4.39
N THR C 26 8.51 6.02 -3.83
CA THR C 26 8.07 5.89 -2.45
C THR C 26 7.48 4.50 -2.10
N GLY C 27 6.94 3.80 -3.10
CA GLY C 27 6.30 2.51 -2.89
C GLY C 27 4.79 2.55 -2.64
N ILE C 28 4.23 3.75 -2.53
CA ILE C 28 2.79 3.91 -2.36
C ILE C 28 2.23 4.60 -3.59
N ARG C 29 1.28 3.95 -4.25
CA ARG C 29 0.68 4.51 -5.44
C ARG C 29 -0.20 5.69 -5.06
N THR C 30 -0.48 6.54 -6.04
CA THR C 30 -1.46 7.60 -5.85
C THR C 30 -2.50 7.44 -6.94
N ILE C 31 -3.75 7.81 -6.64
CA ILE C 31 -4.78 7.94 -7.68
C ILE C 31 -5.17 9.42 -7.73
N GLY C 32 -5.16 10.01 -8.92
CA GLY C 32 -5.29 11.46 -9.01
C GLY C 32 -5.86 11.96 -10.31
N ILE C 33 -6.20 13.25 -10.31
CA ILE C 33 -6.55 14.00 -11.49
C ILE C 33 -5.73 15.29 -11.55
N PRO C 34 -5.46 15.79 -12.77
CA PRO C 34 -4.74 17.03 -12.94
C PRO C 34 -5.72 18.18 -13.05
N GLY C 35 -5.74 19.07 -12.06
CA GLY C 35 -6.55 20.27 -12.13
C GLY C 35 -7.92 20.07 -11.46
N ALA C 36 -8.08 20.64 -10.28
CA ALA C 36 -9.34 20.61 -9.56
C ALA C 36 -9.53 21.94 -8.85
N MET C 37 -10.77 22.26 -8.55
CA MET C 37 -11.12 23.51 -7.85
C MET C 37 -12.14 23.25 -6.77
N LEU C 38 -11.93 23.86 -5.61
CA LEU C 38 -12.92 23.93 -4.54
C LEU C 38 -13.15 25.42 -4.26
N ARG C 39 -14.40 25.81 -3.99
CA ARG C 39 -14.71 27.22 -3.84
C ARG C 39 -15.71 27.40 -2.70
N PHE C 40 -15.28 28.12 -1.66
CA PHE C 40 -16.05 28.23 -0.43
C PHE C 40 -16.38 29.70 -0.11
N ASP C 41 -17.59 29.94 0.36
CA ASP C 41 -18.00 31.26 0.82
C ASP C 41 -17.81 31.27 2.32
N LEU C 42 -16.78 31.95 2.79
CA LEU C 42 -16.42 31.90 4.20
C LEU C 42 -17.43 32.65 5.07
N GLN C 43 -18.25 33.53 4.49
CA GLN C 43 -19.33 34.17 5.28
C GLN C 43 -20.38 33.12 5.64
N GLN C 44 -20.55 32.10 4.80
CA GLN C 44 -21.47 31.00 5.13
C GLN C 44 -20.92 30.19 6.28
N GLY C 45 -19.61 29.96 6.29
CA GLY C 45 -19.00 29.11 7.27
C GLY C 45 -17.59 28.70 6.90
N PHE C 46 -16.90 28.14 7.88
CA PHE C 46 -15.54 27.64 7.70
C PHE C 46 -15.61 26.31 6.94
N PRO C 47 -14.70 26.09 5.98
CA PRO C 47 -14.82 24.82 5.23
C PRO C 47 -14.38 23.60 6.06
N LEU C 54 -6.64 18.75 17.15
CA LEU C 54 -5.20 18.72 16.97
C LEU C 54 -4.85 19.29 15.61
N ALA C 55 -5.56 18.83 14.58
CA ALA C 55 -5.34 19.23 13.20
C ALA C 55 -5.47 20.74 12.97
N PHE C 56 -6.53 21.35 13.47
CA PHE C 56 -6.74 22.80 13.27
C PHE C 56 -5.59 23.60 13.87
N LYS C 57 -5.23 23.27 15.10
CA LYS C 57 -4.19 24.02 15.79
C LYS C 57 -2.82 23.84 15.14
N SER C 58 -2.59 22.68 14.55
CA SER C 58 -1.33 22.43 13.86
C SER C 58 -1.24 23.34 12.62
N ALA C 59 -2.37 23.46 11.93
CA ALA C 59 -2.49 24.30 10.73
C ALA C 59 -2.28 25.76 11.08
N ILE C 60 -2.93 26.21 12.16
CA ILE C 60 -2.74 27.58 12.61
C ILE C 60 -1.29 27.87 13.03
N GLY C 61 -0.68 26.93 13.78
CA GLY C 61 0.71 27.04 14.14
C GLY C 61 1.64 27.15 12.94
N GLU C 62 1.37 26.37 11.90
CA GLU C 62 2.13 26.52 10.65
C GLU C 62 1.98 27.92 10.04
N LEU C 63 0.74 28.41 9.95
CA LEU C 63 0.49 29.73 9.36
C LEU C 63 1.23 30.80 10.15
N VAL C 64 1.16 30.76 11.49
CA VAL C 64 1.84 31.77 12.29
C VAL C 64 3.35 31.66 12.04
N GLY C 65 3.86 30.45 11.92
CA GLY C 65 5.25 30.21 11.64
C GLY C 65 5.67 30.91 10.35
N PHE C 66 4.85 30.72 9.34
CA PHE C 66 5.10 31.33 8.01
C PHE C 66 5.03 32.87 8.10
N LEU C 67 4.03 33.39 8.79
CA LEU C 67 3.94 34.83 8.95
C LEU C 67 5.19 35.43 9.57
N ARG C 68 5.84 34.70 10.50
CA ARG C 68 7.06 35.16 11.18
C ARG C 68 8.35 34.73 10.49
N ALA C 69 8.23 34.18 9.28
CA ALA C 69 9.36 33.90 8.41
C ALA C 69 10.30 32.90 9.14
N THR C 70 9.68 31.86 9.67
CA THR C 70 10.39 30.87 10.49
C THR C 70 11.08 29.85 9.60
N ARG C 71 12.32 29.51 9.94
CA ARG C 71 13.00 28.40 9.29
C ARG C 71 13.45 27.28 10.21
N SER C 72 12.98 27.34 11.46
CA SER C 72 13.34 26.34 12.51
C SER C 72 12.12 25.53 12.90
N ALA C 73 12.22 24.21 12.74
CA ALA C 73 11.16 23.29 13.22
C ALA C 73 10.87 23.46 14.72
N ALA C 74 11.86 23.89 15.51
CA ALA C 74 11.65 24.14 16.95
C ALA C 74 10.67 25.31 17.16
N GLU C 75 10.84 26.37 16.37
CA GLU C 75 9.92 27.53 16.43
C GLU C 75 8.52 27.12 16.01
N PHE C 76 8.40 26.27 14.98
CA PHE C 76 7.08 25.72 14.61
C PHE C 76 6.48 24.91 15.76
N ARG C 77 7.30 24.07 16.40
CA ARG C 77 6.78 23.31 17.56
C ARG C 77 6.29 24.18 18.68
N ALA C 78 7.00 25.27 18.96
CA ALA C 78 6.53 26.17 20.00
C ALA C 78 5.18 26.82 19.70
N LEU C 79 4.86 26.88 18.42
CA LEU C 79 3.57 27.37 17.93
C LEU C 79 2.54 26.24 17.72
N GLY C 80 2.83 25.02 18.19
CA GLY C 80 1.90 23.91 18.15
C GLY C 80 1.92 23.11 16.88
N CYS C 81 3.03 23.18 16.13
CA CYS C 81 3.13 22.56 14.82
C CYS C 81 4.35 21.65 14.70
N LYS C 82 4.11 20.34 14.58
CA LYS C 82 5.20 19.35 14.56
C LYS C 82 5.43 18.82 13.15
N VAL C 83 4.74 19.39 12.16
CA VAL C 83 4.71 18.76 10.83
C VAL C 83 6.00 18.86 10.04
N TRP C 84 6.91 19.72 10.48
CA TRP C 84 8.18 19.99 9.82
C TRP C 84 9.36 19.20 10.37
N ASP C 85 9.16 18.48 11.48
CA ASP C 85 10.29 17.83 12.13
C ASP C 85 11.01 16.82 11.26
N ALA C 86 10.26 15.94 10.64
CA ALA C 86 10.86 14.88 9.82
C ALA C 86 11.59 15.43 8.59
N ASN C 87 11.00 16.41 7.93
CA ASN C 87 11.70 17.09 6.82
C ASN C 87 12.97 17.83 7.26
N ALA C 88 12.98 18.39 8.47
CA ALA C 88 14.18 19.05 8.98
C ALA C 88 15.32 18.08 9.36
N ASN C 89 14.94 16.95 9.96
CA ASN C 89 15.88 16.11 10.66
C ASN C 89 16.03 14.68 10.17
N GLU C 90 15.14 14.18 9.32
CA GLU C 90 15.20 12.79 8.88
C GLU C 90 15.31 12.58 7.36
N ASN C 91 15.01 13.61 6.59
CA ASN C 91 15.09 13.53 5.15
C ASN C 91 16.55 13.46 4.69
N ALA C 92 16.89 12.37 4.01
CA ALA C 92 18.28 12.11 3.70
C ALA C 92 18.90 13.17 2.78
N GLN C 93 18.14 13.58 1.78
CA GLN C 93 18.59 14.60 0.83
C GLN C 93 18.90 15.91 1.57
N TRP C 94 17.98 16.33 2.46
CA TRP C 94 18.15 17.59 3.17
C TRP C 94 19.29 17.49 4.14
N LEU C 95 19.42 16.36 4.84
CA LEU C 95 20.54 16.17 5.77
C LEU C 95 21.91 16.34 5.10
N ALA C 96 21.98 16.00 3.81
CA ALA C 96 23.21 16.11 3.02
C ALA C 96 23.36 17.49 2.36
N ASN C 97 22.38 18.37 2.52
CA ASN C 97 22.39 19.61 1.77
C ASN C 97 23.30 20.63 2.46
N PRO C 98 24.23 21.25 1.71
CA PRO C 98 25.18 22.18 2.37
C PRO C 98 24.63 23.49 2.89
N TYR C 99 23.37 23.78 2.63
CA TYR C 99 22.74 25.00 3.13
C TYR C 99 21.98 24.74 4.44
N ARG C 100 21.92 23.48 4.86
CA ARG C 100 21.24 23.13 6.10
C ARG C 100 22.18 23.53 7.28
N ARG C 101 21.68 24.33 8.24
CA ARG C 101 22.54 24.87 9.29
C ARG C 101 22.79 23.87 10.42
N GLY C 102 21.84 22.98 10.64
CA GLY C 102 21.91 22.04 11.76
C GLY C 102 20.54 21.55 12.13
N ALA C 103 20.45 20.92 13.31
CA ALA C 103 19.20 20.32 13.72
C ALA C 103 18.07 21.36 13.68
N ASP C 104 16.92 20.87 13.26
CA ASP C 104 15.67 21.62 13.14
C ASP C 104 15.66 22.67 12.04
N ASP C 105 16.75 22.86 11.30
CA ASP C 105 16.74 23.89 10.23
C ASP C 105 16.01 23.36 8.99
N LEU C 106 15.31 24.26 8.31
CA LEU C 106 14.55 23.94 7.11
C LEU C 106 15.02 24.72 5.88
N GLY C 107 15.89 25.73 6.09
CA GLY C 107 16.22 26.66 5.00
C GLY C 107 15.13 27.69 4.84
N ASP C 108 15.33 28.61 3.91
CA ASP C 108 14.41 29.73 3.69
C ASP C 108 13.10 29.35 2.96
N VAL C 109 12.34 28.48 3.59
CA VAL C 109 11.07 27.97 3.07
C VAL C 109 9.95 28.98 3.35
N TYR C 110 8.93 28.90 2.48
CA TYR C 110 7.63 29.54 2.62
C TYR C 110 7.68 30.98 3.14
N GLY C 111 7.31 31.22 4.39
CA GLY C 111 7.30 32.55 4.93
C GLY C 111 8.55 33.40 4.79
N VAL C 112 9.73 32.79 4.72
CA VAL C 112 10.92 33.58 4.47
C VAL C 112 10.78 34.26 3.09
N GLN C 113 10.24 33.53 2.11
CA GLN C 113 10.00 34.08 0.77
C GLN C 113 8.82 35.02 0.77
N TRP C 114 7.80 34.77 1.61
CA TRP C 114 6.63 35.65 1.66
C TRP C 114 7.01 37.03 2.22
N ARG C 115 7.88 37.02 3.21
CA ARG C 115 8.19 38.22 4.01
C ARG C 115 9.52 38.86 3.79
N ARG C 116 10.49 38.09 3.30
CA ARG C 116 11.86 38.54 3.20
C ARG C 116 12.51 37.96 1.93
N TRP C 117 11.79 38.03 0.82
CA TRP C 117 12.27 37.47 -0.46
C TRP C 117 13.56 38.19 -0.83
N PRO C 118 14.64 37.42 -1.07
CA PRO C 118 15.88 38.13 -1.40
C PRO C 118 15.91 38.60 -2.84
N GLY C 119 15.60 39.88 -3.02
CA GLY C 119 15.56 40.52 -4.31
C GLY C 119 16.85 41.18 -4.68
N TYR C 120 17.37 40.89 -5.86
CA TYR C 120 18.62 41.47 -6.29
C TYR C 120 18.46 42.13 -7.64
N LYS C 121 19.22 43.19 -7.84
CA LYS C 121 19.44 43.78 -9.16
C LYS C 121 20.93 44.01 -9.39
N VAL C 122 21.39 43.70 -10.61
CA VAL C 122 22.70 44.11 -11.05
C VAL C 122 22.48 45.19 -12.11
N LEU C 123 22.89 46.40 -11.77
CA LEU C 123 22.71 47.56 -12.66
C LEU C 123 24.07 48.15 -13.05
N ASP C 124 24.12 48.83 -14.19
CA ASP C 124 25.32 49.59 -14.51
C ASP C 124 25.52 50.67 -13.46
N ALA C 125 26.75 50.87 -13.02
CA ALA C 125 27.02 51.85 -11.95
C ALA C 125 26.65 53.27 -12.31
N HIS C 126 26.49 53.56 -13.59
CA HIS C 126 26.15 54.91 -14.04
C HIS C 126 24.75 54.98 -14.57
N ALA C 127 23.94 53.97 -14.27
CA ALA C 127 22.51 54.04 -14.62
C ALA C 127 21.79 54.81 -13.53
N ASP C 128 22.05 56.12 -13.48
CA ASP C 128 21.64 56.92 -12.35
C ASP C 128 20.15 56.89 -12.07
N ALA C 129 19.32 57.00 -13.11
CA ALA C 129 17.85 57.00 -12.94
C ALA C 129 17.32 55.65 -12.44
N GLN C 130 17.90 54.55 -12.91
CA GLN C 130 17.51 53.23 -12.44
C GLN C 130 17.91 53.01 -10.99
N ILE C 131 19.14 53.37 -10.64
CA ILE C 131 19.60 53.30 -9.26
C ILE C 131 18.75 54.15 -8.33
N ALA C 132 18.39 55.37 -8.76
CA ALA C 132 17.52 56.25 -7.93
C ALA C 132 16.18 55.63 -7.75
N ASP C 133 15.66 55.05 -8.82
CA ASP C 133 14.35 54.41 -8.72
C ASP C 133 14.41 53.24 -7.73
N ALA C 134 15.43 52.40 -7.87
CA ALA C 134 15.59 51.22 -7.01
C ALA C 134 15.70 51.66 -5.54
N THR C 135 16.57 52.64 -5.24
CA THR C 135 16.74 53.06 -3.88
C THR C 135 15.44 53.66 -3.30
N SER C 136 14.69 54.38 -4.12
CA SER C 136 13.40 54.93 -3.67
C SER C 136 12.38 53.88 -3.30
N ARG C 137 12.57 52.67 -3.85
CA ARG C 137 11.70 51.53 -3.56
C ARG C 137 12.27 50.60 -2.49
N GLY C 138 13.36 51.00 -1.82
CA GLY C 138 13.86 50.22 -0.70
C GLY C 138 15.00 49.27 -1.00
N PHE C 139 15.55 49.34 -2.19
CA PHE C 139 16.78 48.59 -2.51
C PHE C 139 17.95 49.39 -1.99
N ARG C 140 18.99 48.67 -1.56
CA ARG C 140 20.20 49.30 -1.06
C ARG C 140 21.34 48.80 -1.93
N ILE C 141 22.28 49.68 -2.27
CA ILE C 141 23.52 49.26 -2.95
C ILE C 141 24.39 48.53 -1.94
N VAL C 142 24.80 47.30 -2.24
CA VAL C 142 25.61 46.52 -1.32
C VAL C 142 26.98 46.13 -1.86
N ALA C 143 27.22 46.35 -3.14
CA ALA C 143 28.50 45.96 -3.76
C ALA C 143 28.68 46.67 -5.08
N ARG C 144 29.97 46.91 -5.38
CA ARG C 144 30.41 47.57 -6.60
CA ARG C 144 30.37 47.56 -6.60
C ARG C 144 31.47 46.67 -7.19
N PHE C 145 31.34 46.33 -8.47
CA PHE C 145 32.27 45.39 -9.06
C PHE C 145 32.34 45.60 -10.55
N GLU C 146 33.41 45.11 -11.16
CA GLU C 146 33.58 45.18 -12.59
C GLU C 146 33.25 43.82 -13.22
N GLU C 147 32.44 43.84 -14.26
CA GLU C 147 32.10 42.64 -14.99
C GLU C 147 32.03 43.00 -16.46
N GLY C 148 32.69 42.19 -17.29
CA GLY C 148 32.75 42.41 -18.73
C GLY C 148 33.17 43.83 -19.07
N GLY C 149 34.13 44.36 -18.32
CA GLY C 149 34.66 45.70 -18.57
C GLY C 149 33.76 46.85 -18.10
N ALA C 150 32.64 46.55 -17.46
CA ALA C 150 31.66 47.57 -17.05
C ALA C 150 31.59 47.63 -15.54
N ASP C 151 31.52 48.85 -14.97
CA ASP C 151 31.36 49.01 -13.53
C ASP C 151 29.90 48.72 -13.24
N LYS C 152 29.66 47.78 -12.33
CA LYS C 152 28.30 47.38 -11.96
C LYS C 152 28.07 47.66 -10.48
N VAL C 153 26.80 47.78 -10.12
CA VAL C 153 26.39 47.75 -8.72
C VAL C 153 25.39 46.62 -8.47
N LEU C 154 25.51 45.98 -7.30
CA LEU C 154 24.56 44.98 -6.84
C LEU C 154 23.66 45.69 -5.85
N LEU C 155 22.35 45.69 -6.07
CA LEU C 155 21.40 46.20 -5.11
C LEU C 155 20.59 45.06 -4.53
N HIS C 156 20.16 45.23 -3.30
CA HIS C 156 19.40 44.23 -2.56
C HIS C 156 18.21 44.82 -1.85
N LYS C 157 17.09 44.09 -1.86
CA LYS C 157 15.98 44.37 -0.99
C LYS C 157 15.39 43.07 -0.49
N ALA C 158 15.13 42.98 0.83
CA ALA C 158 14.38 41.88 1.39
C ALA C 158 12.92 42.25 1.22
N ILE C 159 12.26 41.61 0.25
CA ILE C 159 10.96 42.08 -0.23
C ILE C 159 9.90 41.40 0.65
N ASP C 160 9.11 42.24 1.28
CA ASP C 160 8.00 41.74 2.10
C ASP C 160 6.72 41.76 1.25
N GLN C 161 6.54 40.71 0.46
CA GLN C 161 5.41 40.63 -0.45
C GLN C 161 4.08 40.70 0.28
N LEU C 162 3.99 40.04 1.43
CA LEU C 162 2.72 40.01 2.17
C LEU C 162 2.40 41.40 2.73
N ARG C 163 3.37 42.09 3.33
CA ARG C 163 3.10 43.44 3.81
C ARG C 163 2.74 44.35 2.64
N ASP C 164 3.44 44.21 1.51
CA ASP C 164 3.12 44.98 0.31
C ASP C 164 1.67 44.74 -0.13
N CYS C 165 1.21 43.49 -0.04
CA CYS C 165 -0.20 43.18 -0.32
C CYS C 165 -1.15 43.96 0.61
N LEU C 166 -0.91 43.90 1.93
CA LEU C 166 -1.80 44.58 2.88
C LEU C 166 -1.78 46.10 2.57
N ASP C 167 -0.60 46.64 2.26
CA ASP C 167 -0.49 48.07 1.94
C ASP C 167 -1.36 48.42 0.74
N THR C 168 -1.32 47.57 -0.29
CA THR C 168 -2.06 47.81 -1.51
C THR C 168 -3.57 47.64 -1.33
N ILE C 169 -3.98 46.71 -0.49
CA ILE C 169 -5.40 46.54 -0.21
C ILE C 169 -5.96 47.84 0.37
N VAL C 170 -5.21 48.45 1.29
CA VAL C 170 -5.66 49.67 1.95
C VAL C 170 -5.51 50.90 1.02
N ARG C 171 -4.42 50.96 0.25
CA ARG C 171 -4.10 52.11 -0.62
CA ARG C 171 -4.15 52.12 -0.61
C ARG C 171 -4.85 52.10 -1.94
N ASP C 172 -4.92 50.94 -2.57
CA ASP C 172 -5.35 50.83 -3.95
C ASP C 172 -6.03 49.49 -4.17
N PRO C 173 -7.20 49.29 -3.54
CA PRO C 173 -7.89 47.99 -3.61
C PRO C 173 -8.36 47.55 -4.97
N SER C 174 -8.46 48.46 -5.95
CA SER C 174 -8.83 48.04 -7.30
C SER C 174 -7.68 47.41 -8.06
N SER C 175 -6.46 47.41 -7.49
CA SER C 175 -5.34 46.69 -8.10
C SER C 175 -5.66 45.21 -8.26
N ARG C 176 -5.25 44.65 -9.39
CA ARG C 176 -5.43 43.24 -9.68
C ARG C 176 -4.08 42.51 -9.56
N ARG C 177 -3.15 43.12 -8.84
CA ARG C 177 -1.78 42.58 -8.63
C ARG C 177 -1.48 42.31 -7.17
N ILE C 178 -2.50 42.08 -6.37
CA ILE C 178 -2.34 41.90 -4.95
C ILE C 178 -2.13 40.40 -4.70
N LEU C 179 -0.88 39.97 -4.83
CA LEU C 179 -0.55 38.57 -4.67
C LEU C 179 0.85 38.38 -4.17
N PHE C 180 1.07 37.23 -3.54
CA PHE C 180 2.41 36.83 -3.13
C PHE C 180 2.58 35.33 -3.35
N HIS C 181 3.83 34.89 -3.49
CA HIS C 181 4.08 33.48 -3.57
C HIS C 181 5.42 33.08 -2.98
N GLY C 182 5.57 31.77 -2.83
CA GLY C 182 6.74 31.20 -2.16
C GLY C 182 7.71 30.45 -3.05
N TRP C 183 7.59 30.62 -4.36
CA TRP C 183 8.37 29.78 -5.33
C TRP C 183 9.45 30.63 -5.91
N ASN C 184 10.62 30.63 -5.23
CA ASN C 184 11.79 31.32 -5.67
C ASN C 184 12.74 30.38 -6.36
N PRO C 185 12.84 30.46 -7.70
CA PRO C 185 13.73 29.53 -8.42
C PRO C 185 15.20 29.56 -8.01
N ALA C 186 15.67 30.68 -7.47
CA ALA C 186 17.08 30.83 -7.18
C ALA C 186 17.48 30.00 -5.96
N VAL C 187 16.52 29.55 -5.16
CA VAL C 187 16.83 28.86 -3.88
C VAL C 187 16.16 27.51 -3.72
N LEU C 188 15.71 26.88 -4.81
CA LEU C 188 15.09 25.59 -4.74
C LEU C 188 16.09 24.54 -4.25
N ASP C 189 17.39 24.85 -4.43
CA ASP C 189 18.49 23.99 -4.00
C ASP C 189 19.00 24.24 -2.56
N GLU C 190 18.31 25.12 -1.81
CA GLU C 190 18.78 25.56 -0.51
C GLU C 190 17.83 25.24 0.63
N ILE C 191 16.83 24.44 0.35
CA ILE C 191 15.64 24.30 1.20
C ILE C 191 15.19 22.85 1.41
N ALA C 192 14.55 22.59 2.54
CA ALA C 192 14.12 21.26 2.87
C ALA C 192 13.01 20.71 1.96
N LEU C 193 12.10 21.60 1.51
CA LEU C 193 11.01 21.24 0.62
C LEU C 193 10.57 22.52 -0.11
N PRO C 194 10.26 22.42 -1.38
CA PRO C 194 9.77 23.58 -2.12
C PRO C 194 8.28 23.78 -1.88
N ALA C 195 7.84 25.03 -2.06
CA ALA C 195 6.48 25.42 -1.74
C ALA C 195 5.45 24.54 -2.43
N CYS C 196 4.48 24.08 -1.67
N CYS C 196 4.54 23.97 -1.65
CA CYS C 196 3.39 23.28 -2.17
CA CYS C 196 3.36 23.25 -2.15
C CYS C 196 2.13 24.11 -2.31
C CYS C 196 2.24 24.25 -2.33
N HIS C 197 1.67 24.71 -1.21
CA HIS C 197 0.70 25.82 -1.26
C HIS C 197 1.50 27.04 -1.61
N LEU C 198 1.30 27.47 -2.83
CA LEU C 198 2.31 28.22 -3.60
C LEU C 198 1.99 29.69 -3.77
N LEU C 199 0.81 30.00 -4.33
CA LEU C 199 0.44 31.36 -4.69
C LEU C 199 -0.85 31.76 -4.02
N TYR C 200 -0.84 32.96 -3.45
CA TYR C 200 -1.99 33.55 -2.76
C TYR C 200 -2.31 34.90 -3.40
N GLN C 201 -3.55 35.07 -3.89
CA GLN C 201 -4.00 36.32 -4.50
C GLN C 201 -5.22 36.80 -3.73
N PHE C 202 -5.14 38.06 -3.29
CA PHE C 202 -6.29 38.74 -2.66
C PHE C 202 -7.05 39.63 -3.63
N LEU C 203 -8.38 39.57 -3.53
CA LEU C 203 -9.27 40.29 -4.44
C LEU C 203 -10.28 41.09 -3.62
N PRO C 204 -9.89 42.28 -3.22
CA PRO C 204 -10.84 43.18 -2.57
C PRO C 204 -11.90 43.73 -3.50
N ASN C 205 -13.12 43.85 -2.98
CA ASN C 205 -14.24 44.46 -3.66
C ASN C 205 -14.64 45.67 -2.82
N VAL C 206 -14.27 46.86 -3.26
CA VAL C 206 -14.36 48.05 -2.40
C VAL C 206 -15.85 48.41 -2.25
N GLU C 207 -16.67 48.18 -3.27
CA GLU C 207 -18.12 48.52 -3.20
C GLU C 207 -18.89 47.69 -2.14
N ARG C 208 -18.43 46.48 -1.89
CA ARG C 208 -19.08 45.60 -0.92
CA ARG C 208 -19.09 45.62 -0.92
C ARG C 208 -18.24 45.41 0.36
N ARG C 209 -17.01 45.95 0.36
CA ARG C 209 -16.02 45.75 1.42
C ARG C 209 -15.87 44.27 1.78
N GLU C 210 -15.86 43.45 0.73
CA GLU C 210 -15.63 42.01 0.83
C GLU C 210 -14.30 41.69 0.20
N ILE C 211 -13.56 40.76 0.79
CA ILE C 211 -12.25 40.35 0.25
C ILE C 211 -12.23 38.82 0.06
N SER C 212 -11.73 38.42 -1.11
CA SER C 212 -11.66 37.05 -1.51
C SER C 212 -10.19 36.63 -1.72
N LEU C 213 -9.96 35.32 -1.71
CA LEU C 213 -8.62 34.73 -1.79
C LEU C 213 -8.64 33.63 -2.82
N CYS C 214 -7.65 33.61 -3.72
CA CYS C 214 -7.41 32.46 -4.60
C CYS C 214 -6.06 31.92 -4.19
N LEU C 215 -5.97 30.60 -4.07
CA LEU C 215 -4.79 29.88 -3.59
C LEU C 215 -4.47 28.78 -4.57
N TYR C 216 -3.24 28.79 -5.12
CA TYR C 216 -2.80 27.73 -6.02
C TYR C 216 -1.88 26.78 -5.26
N ILE C 217 -2.25 25.51 -5.28
CA ILE C 217 -1.49 24.43 -4.61
C ILE C 217 -0.98 23.52 -5.69
N ARG C 218 0.34 23.31 -5.79
CA ARG C 218 0.82 22.46 -6.87
C ARG C 218 0.53 20.96 -6.69
N SER C 219 0.34 20.52 -5.45
CA SER C 219 0.18 19.12 -5.16
C SER C 219 -0.51 18.96 -3.82
N ASN C 220 -1.52 18.11 -3.77
CA ASN C 220 -2.32 17.94 -2.55
C ASN C 220 -2.82 16.51 -2.39
N ASP C 221 -2.45 15.92 -1.26
CA ASP C 221 -3.16 14.76 -0.74
C ASP C 221 -4.54 15.25 -0.31
N VAL C 222 -5.56 14.85 -1.06
CA VAL C 222 -6.94 15.30 -0.81
C VAL C 222 -7.52 14.77 0.53
N GLY C 223 -7.01 13.64 1.01
CA GLY C 223 -7.42 13.10 2.33
C GLY C 223 -6.89 13.90 3.52
N LEU C 224 -5.58 14.00 3.65
CA LEU C 224 -4.95 14.64 4.82
C LEU C 224 -4.47 16.08 4.59
N GLY C 225 -4.03 16.39 3.38
CA GLY C 225 -3.41 17.70 3.12
C GLY C 225 -4.45 18.78 2.90
N THR C 226 -5.49 18.47 2.11
CA THR C 226 -6.51 19.45 1.76
C THR C 226 -7.18 20.11 3.00
N PRO C 227 -7.65 19.34 4.00
CA PRO C 227 -8.29 20.03 5.15
C PRO C 227 -7.34 21.02 5.88
N PHE C 228 -6.08 20.63 5.96
CA PHE C 228 -5.04 21.40 6.61
C PHE C 228 -4.80 22.70 5.86
N ASN C 229 -4.60 22.61 4.54
CA ASN C 229 -4.37 23.78 3.73
C ASN C 229 -5.59 24.68 3.66
N LEU C 230 -6.80 24.10 3.65
CA LEU C 230 -8.04 24.90 3.72
C LEU C 230 -8.12 25.73 5.03
N ALA C 231 -7.80 25.12 6.17
CA ALA C 231 -7.75 25.85 7.41
C ALA C 231 -6.78 27.03 7.38
N GLU C 232 -5.57 26.83 6.84
CA GLU C 232 -4.58 27.90 6.84
C GLU C 232 -5.01 29.06 5.95
N GLY C 233 -5.52 28.70 4.77
CA GLY C 233 -5.95 29.69 3.79
C GLY C 233 -7.09 30.54 4.32
N ALA C 234 -8.09 29.87 4.92
CA ALA C 234 -9.23 30.59 5.49
C ALA C 234 -8.80 31.47 6.65
N ALA C 235 -7.95 30.95 7.52
CA ALA C 235 -7.36 31.75 8.60
C ALA C 235 -6.61 32.98 8.09
N LEU C 236 -5.80 32.82 7.06
CA LEU C 236 -5.06 33.95 6.50
C LEU C 236 -6.01 35.03 5.95
N LEU C 237 -7.02 34.61 5.22
CA LEU C 237 -7.95 35.57 4.62
C LEU C 237 -8.66 36.33 5.75
N THR C 238 -9.00 35.62 6.83
CA THR C 238 -9.72 36.26 7.96
C THR C 238 -8.83 37.31 8.60
N LEU C 239 -7.56 36.96 8.78
CA LEU C 239 -6.58 37.89 9.37
C LEU C 239 -6.39 39.15 8.52
N VAL C 240 -6.16 38.92 7.23
CA VAL C 240 -5.94 40.00 6.30
C VAL C 240 -7.16 40.91 6.20
N GLY C 241 -8.35 40.35 6.17
CA GLY C 241 -9.56 41.19 6.18
C GLY C 241 -9.68 42.03 7.46
N ARG C 242 -9.38 41.42 8.58
CA ARG C 242 -9.36 42.16 9.86
C ARG C 242 -8.43 43.37 9.81
N LEU C 243 -7.25 43.19 9.25
CA LEU C 243 -6.23 44.22 9.29
C LEU C 243 -6.39 45.27 8.16
N THR C 244 -7.23 44.99 7.17
CA THR C 244 -7.36 45.87 6.02
C THR C 244 -8.75 46.44 5.81
N GLY C 245 -9.69 46.04 6.65
CA GLY C 245 -11.06 46.61 6.60
C GLY C 245 -12.04 45.95 5.67
N TYR C 246 -11.92 44.65 5.47
CA TYR C 246 -12.76 43.85 4.55
C TYR C 246 -13.26 42.60 5.17
N SER C 247 -14.49 42.23 4.86
CA SER C 247 -15.02 40.97 5.34
CA SER C 247 -15.05 40.96 5.34
C SER C 247 -14.67 39.83 4.40
N PRO C 248 -14.17 38.72 4.96
CA PRO C 248 -13.89 37.61 4.07
C PRO C 248 -15.11 37.04 3.36
N ARG C 249 -14.91 36.73 2.08
CA ARG C 249 -15.95 36.19 1.27
C ARG C 249 -15.44 34.91 0.59
N TRP C 250 -15.05 34.98 -0.69
CA TRP C 250 -14.74 33.75 -1.42
C TRP C 250 -13.35 33.26 -1.20
N PHE C 251 -13.22 31.97 -0.98
CA PHE C 251 -11.93 31.28 -0.89
C PHE C 251 -11.88 30.22 -1.97
N THR C 252 -11.10 30.46 -3.03
CA THR C 252 -11.03 29.53 -4.15
C THR C 252 -9.68 28.82 -4.10
N TYR C 253 -9.75 27.51 -4.19
CA TYR C 253 -8.64 26.62 -3.89
C TYR C 253 -8.38 25.85 -5.14
N PHE C 254 -7.30 26.17 -5.81
CA PHE C 254 -6.98 25.59 -7.09
C PHE C 254 -5.85 24.59 -6.87
N ILE C 255 -6.05 23.35 -7.34
CA ILE C 255 -5.08 22.27 -7.14
C ILE C 255 -4.56 21.75 -8.48
N GLY C 256 -3.25 21.66 -8.60
CA GLY C 256 -2.64 21.02 -9.77
C GLY C 256 -2.75 19.51 -9.68
N ASP C 257 -1.87 18.89 -8.90
CA ASP C 257 -1.85 17.45 -8.75
C ASP C 257 -2.71 17.11 -7.53
N ALA C 258 -3.97 16.79 -7.79
CA ALA C 258 -4.95 16.41 -6.77
C ALA C 258 -5.01 14.89 -6.67
N HIS C 259 -4.60 14.34 -5.54
CA HIS C 259 -4.48 12.88 -5.45
C HIS C 259 -4.86 12.32 -4.10
N ILE C 260 -5.01 10.99 -4.09
CA ILE C 260 -5.33 10.23 -2.90
C ILE C 260 -4.30 9.08 -2.85
N TYR C 261 -3.61 8.93 -1.72
CA TYR C 261 -2.65 7.83 -1.53
C TYR C 261 -3.37 6.52 -1.31
N GLU C 262 -2.86 5.45 -1.93
CA GLU C 262 -3.47 4.13 -1.83
C GLU C 262 -3.62 3.64 -0.39
N ASN C 263 -2.66 4.00 0.47
CA ASN C 263 -2.70 3.62 1.90
C ASN C 263 -3.79 4.32 2.70
N GLN C 264 -4.35 5.40 2.15
CA GLN C 264 -5.50 6.07 2.75
C GLN C 264 -6.78 5.56 2.08
N PRO C 280 -18.40 24.28 11.41
CA PRO C 280 -18.02 25.11 12.53
C PRO C 280 -17.76 26.55 12.12
N ARG C 281 -17.43 27.37 13.11
CA ARG C 281 -17.16 28.77 12.91
C ARG C 281 -15.72 29.10 13.33
N LEU C 282 -15.03 29.83 12.48
CA LEU C 282 -13.72 30.39 12.81
C LEU C 282 -13.94 31.70 13.53
N GLU C 283 -13.23 31.90 14.62
CA GLU C 283 -13.21 33.18 15.31
C GLU C 283 -11.78 33.64 15.37
N LEU C 284 -11.56 34.92 15.05
CA LEU C 284 -10.28 35.57 15.28
C LEU C 284 -10.52 36.55 16.42
N ALA C 285 -9.71 36.43 17.47
CA ALA C 285 -9.88 37.21 18.70
C ALA C 285 -10.08 38.72 18.49
N GLU C 286 -10.99 39.29 19.27
CA GLU C 286 -11.21 40.73 19.29
C GLU C 286 -9.95 41.53 19.62
N ARG C 287 -8.96 40.93 20.26
CA ARG C 287 -7.77 41.71 20.56
C ARG C 287 -6.99 42.08 19.29
N VAL C 288 -7.24 41.36 18.19
CA VAL C 288 -6.65 41.73 16.90
C VAL C 288 -7.57 42.81 16.33
N PRO C 289 -7.11 44.08 16.31
CA PRO C 289 -7.93 45.23 15.98
C PRO C 289 -8.47 45.20 14.56
N ASP C 290 -9.70 45.67 14.42
CA ASP C 290 -10.37 45.76 13.11
C ASP C 290 -10.16 47.13 12.51
N TYR C 291 -9.42 47.16 11.41
CA TYR C 291 -9.09 48.40 10.73
C TYR C 291 -10.32 49.21 10.37
N ALA C 292 -11.42 48.53 10.02
CA ALA C 292 -12.64 49.20 9.62
C ALA C 292 -13.25 49.92 10.80
N LYS C 293 -12.96 49.47 12.02
CA LYS C 293 -13.42 50.12 13.25
C LYS C 293 -12.44 51.12 13.84
N THR C 294 -11.15 50.96 13.65
CA THR C 294 -10.19 51.83 14.31
C THR C 294 -9.65 52.95 13.41
N GLY C 295 -9.59 52.72 12.11
CA GLY C 295 -8.97 53.65 11.19
C GLY C 295 -7.45 53.71 11.32
N LYS C 296 -6.88 52.81 12.12
CA LYS C 296 -5.47 52.82 12.43
C LYS C 296 -4.85 51.59 11.79
N TYR C 297 -3.96 51.82 10.83
CA TYR C 297 -3.31 50.74 10.11
C TYR C 297 -2.19 50.16 10.96
N GLU C 298 -2.34 48.88 11.30
CA GLU C 298 -1.42 48.21 12.22
C GLU C 298 -0.95 46.84 11.64
N PRO C 299 -0.19 46.85 10.53
CA PRO C 299 0.21 45.59 9.88
C PRO C 299 1.18 44.74 10.73
N GLN C 300 1.72 45.35 11.77
CA GLN C 300 2.56 44.66 12.75
C GLN C 300 1.83 43.49 13.43
N TRP C 301 0.50 43.46 13.34
CA TRP C 301 -0.26 42.30 13.81
C TRP C 301 0.01 41.03 13.07
N LEU C 302 0.64 41.09 11.88
CA LEU C 302 1.08 39.87 11.22
C LEU C 302 2.05 39.09 12.10
N GLU C 303 2.91 39.78 12.87
CA GLU C 303 3.86 39.14 13.79
C GLU C 303 3.27 39.00 15.17
N ARG C 304 2.34 39.86 15.55
CA ARG C 304 1.81 39.83 16.92
C ARG C 304 0.74 38.77 17.14
N VAL C 305 0.00 38.40 16.09
CA VAL C 305 -1.02 37.39 16.21
C VAL C 305 -0.41 36.06 16.69
N GLU C 306 -1.14 35.40 17.58
CA GLU C 306 -0.69 34.11 18.15
C GLU C 306 -1.65 33.00 17.72
N PRO C 307 -1.22 31.74 17.81
CA PRO C 307 -2.15 30.67 17.48
C PRO C 307 -3.45 30.72 18.31
N SER C 308 -3.36 31.18 19.56
CA SER C 308 -4.49 31.22 20.48
C SER C 308 -5.56 32.21 20.07
N ASP C 309 -5.20 33.11 19.16
CA ASP C 309 -6.16 34.10 18.61
C ASP C 309 -7.13 33.49 17.63
N PHE C 310 -6.82 32.30 17.12
CA PHE C 310 -7.67 31.59 16.16
C PHE C 310 -8.35 30.41 16.84
N THR C 311 -9.68 30.43 16.86
CA THR C 311 -10.40 29.32 17.48
C THR C 311 -11.47 28.83 16.51
N LEU C 312 -11.71 27.53 16.56
CA LEU C 312 -12.74 26.88 15.77
C LEU C 312 -13.86 26.42 16.71
N VAL C 313 -14.98 27.13 16.70
CA VAL C 313 -16.11 26.87 17.61
C VAL C 313 -17.18 26.02 16.92
N GLY C 314 -17.38 24.80 17.42
CA GLY C 314 -18.35 23.87 16.84
C GLY C 314 -19.77 24.37 16.99
N LYS D 6 24.02 -30.74 16.94
CA LYS D 6 24.47 -29.39 16.50
C LYS D 6 23.26 -28.48 16.28
N GLN D 7 22.39 -28.87 15.35
CA GLN D 7 21.07 -28.27 15.21
C GLN D 7 20.30 -28.47 16.48
N TYR D 8 20.46 -29.65 17.05
CA TYR D 8 19.76 -30.02 18.25
C TYR D 8 20.21 -29.17 19.42
N LEU D 9 21.52 -29.00 19.56
CA LEU D 9 22.06 -28.18 20.63
C LEU D 9 21.73 -26.69 20.46
N ASP D 10 21.65 -26.21 19.21
CA ASP D 10 21.22 -24.83 18.96
C ASP D 10 19.78 -24.55 19.42
N LEU D 11 18.90 -25.51 19.15
CA LEU D 11 17.52 -25.48 19.65
C LEU D 11 17.49 -25.47 21.19
N VAL D 12 18.30 -26.33 21.81
CA VAL D 12 18.38 -26.34 23.26
C VAL D 12 18.81 -24.98 23.77
N ARG D 13 19.92 -24.46 23.23
CA ARG D 13 20.43 -23.14 23.62
C ARG D 13 19.35 -22.05 23.46
N THR D 14 18.66 -22.07 22.32
CA THR D 14 17.63 -21.06 22.03
C THR D 14 16.49 -21.13 23.04
N ILE D 15 16.04 -22.34 23.37
CA ILE D 15 14.97 -22.48 24.36
C ILE D 15 15.40 -21.93 25.71
N LEU D 16 16.59 -22.31 26.15
CA LEU D 16 17.12 -21.86 27.45
C LEU D 16 17.34 -20.37 27.54
N ASP D 17 17.71 -19.75 26.41
CA ASP D 17 18.09 -18.32 26.39
C ASP D 17 16.89 -17.42 26.10
N THR D 18 15.90 -17.95 25.40
CA THR D 18 14.78 -17.10 24.96
C THR D 18 13.37 -17.62 25.34
N GLY D 19 13.29 -18.79 25.95
CA GLY D 19 11.99 -19.36 26.28
C GLY D 19 11.32 -18.74 27.49
N THR D 20 10.07 -19.10 27.68
CA THR D 20 9.28 -18.68 28.83
C THR D 20 8.96 -19.88 29.71
N TRP D 21 9.09 -19.67 31.02
CA TRP D 21 8.80 -20.66 32.04
C TRP D 21 7.33 -20.78 32.29
N GLN D 22 6.87 -21.99 32.63
CA GLN D 22 5.52 -22.19 33.17
C GLN D 22 5.55 -23.10 34.40
N ARG D 29 7.86 -27.83 36.14
CA ARG D 29 7.97 -26.63 35.30
C ARG D 29 8.70 -26.93 33.99
N THR D 30 8.28 -26.25 32.92
CA THR D 30 8.93 -26.37 31.62
C THR D 30 9.24 -24.98 31.05
N ILE D 31 10.28 -24.91 30.22
CA ILE D 31 10.63 -23.67 29.49
C ILE D 31 10.51 -23.95 27.99
N GLY D 32 9.82 -23.09 27.25
CA GLY D 32 9.49 -23.37 25.85
C GLY D 32 9.46 -22.19 24.90
N ILE D 33 9.54 -22.51 23.60
CA ILE D 33 9.28 -21.57 22.50
C ILE D 33 8.24 -22.17 21.54
N PRO D 34 7.54 -21.30 20.78
CA PRO D 34 6.58 -21.79 19.80
C PRO D 34 7.21 -21.86 18.39
N GLY D 35 7.20 -23.03 17.75
CA GLY D 35 7.65 -23.15 16.37
C GLY D 35 9.13 -23.39 16.25
N ALA D 36 9.53 -24.63 16.02
CA ALA D 36 10.94 -24.93 15.74
C ALA D 36 11.01 -25.98 14.64
N MET D 37 12.17 -26.06 13.99
CA MET D 37 12.36 -27.08 12.93
C MET D 37 13.72 -27.70 13.14
N LEU D 38 13.79 -29.02 12.96
CA LEU D 38 15.06 -29.72 12.82
C LEU D 38 15.01 -30.43 11.47
N ARG D 39 16.10 -30.49 10.74
CA ARG D 39 16.03 -31.09 9.41
C ARG D 39 17.29 -31.94 9.19
N PHE D 40 17.11 -33.23 8.91
CA PHE D 40 18.24 -34.15 8.86
C PHE D 40 18.27 -34.88 7.52
N ASP D 41 19.48 -35.09 6.99
CA ASP D 41 19.69 -35.89 5.80
C ASP D 41 20.00 -37.33 6.23
N LEU D 42 19.00 -38.22 6.11
CA LEU D 42 19.15 -39.60 6.61
C LEU D 42 20.18 -40.43 5.81
N GLN D 43 20.48 -40.02 4.59
CA GLN D 43 21.55 -40.70 3.82
C GLN D 43 22.91 -40.48 4.47
N GLN D 44 23.08 -39.33 5.14
CA GLN D 44 24.32 -39.07 5.84
C GLN D 44 24.42 -39.85 7.13
N GLY D 45 23.29 -40.12 7.75
CA GLY D 45 23.26 -40.81 9.01
C GLY D 45 21.97 -40.65 9.77
N PHE D 46 21.79 -41.53 10.74
CA PHE D 46 20.67 -41.48 11.64
C PHE D 46 20.82 -40.23 12.51
N PRO D 47 19.71 -39.52 12.81
CA PRO D 47 19.83 -38.35 13.68
C PRO D 47 20.14 -38.72 15.13
N LEU D 54 17.90 -48.69 25.18
CA LEU D 54 16.57 -49.06 25.60
C LEU D 54 15.56 -48.15 24.90
N ALA D 55 15.94 -46.88 24.84
CA ALA D 55 15.22 -45.81 24.15
C ALA D 55 14.87 -46.13 22.69
N PHE D 56 15.86 -46.59 21.92
CA PHE D 56 15.66 -46.87 20.50
C PHE D 56 14.66 -48.00 20.36
N LYS D 57 14.83 -49.09 21.11
CA LYS D 57 13.96 -50.26 20.98
CA LYS D 57 13.94 -50.23 20.91
C LYS D 57 12.52 -49.93 21.40
N SER D 58 12.38 -49.03 22.35
CA SER D 58 11.08 -48.60 22.83
C SER D 58 10.33 -47.82 21.73
N ALA D 59 11.09 -47.00 20.99
CA ALA D 59 10.56 -46.16 19.92
C ALA D 59 10.15 -47.07 18.79
N ILE D 60 10.99 -48.04 18.45
CA ILE D 60 10.65 -48.98 17.40
C ILE D 60 9.43 -49.82 17.75
N GLY D 61 9.36 -50.28 19.01
CA GLY D 61 8.19 -51.00 19.47
C GLY D 61 6.90 -50.18 19.35
N GLU D 62 7.00 -48.90 19.69
CA GLU D 62 5.86 -47.99 19.51
C GLU D 62 5.42 -47.92 18.04
N LEU D 63 6.38 -47.72 17.16
CA LEU D 63 6.09 -47.60 15.73
C LEU D 63 5.41 -48.88 15.22
N VAL D 64 5.94 -50.06 15.59
CA VAL D 64 5.36 -51.30 15.10
C VAL D 64 3.94 -51.42 15.64
N GLY D 65 3.73 -50.98 16.87
CA GLY D 65 2.39 -51.05 17.48
C GLY D 65 1.40 -50.18 16.69
N PHE D 66 1.85 -48.97 16.36
CA PHE D 66 1.04 -48.04 15.52
C PHE D 66 0.74 -48.66 14.14
N LEU D 67 1.77 -49.20 13.50
CA LEU D 67 1.56 -49.88 12.22
C LEU D 67 0.49 -50.94 12.25
N ARG D 68 0.40 -51.67 13.39
CA ARG D 68 -0.58 -52.75 13.57
C ARG D 68 -1.90 -52.28 14.18
N ALA D 69 -2.08 -50.96 14.32
CA ALA D 69 -3.35 -50.37 14.80
C ALA D 69 -3.71 -50.94 16.17
N THR D 70 -2.72 -50.89 17.04
CA THR D 70 -2.80 -51.43 18.41
C THR D 70 -3.47 -50.45 19.33
N ARG D 71 -4.44 -50.90 20.13
CA ARG D 71 -5.01 -50.09 21.20
C ARG D 71 -4.77 -50.63 22.61
N SER D 72 -3.93 -51.66 22.70
CA SER D 72 -3.64 -52.37 24.00
C SER D 72 -2.21 -52.11 24.41
N ALA D 73 -2.03 -51.48 25.59
CA ALA D 73 -0.67 -51.37 26.19
C ALA D 73 0.05 -52.73 26.31
N ALA D 74 -0.67 -53.83 26.50
CA ALA D 74 -0.03 -55.15 26.57
C ALA D 74 0.64 -55.48 25.25
N GLU D 75 -0.08 -55.23 24.15
CA GLU D 75 0.51 -55.47 22.81
C GLU D 75 1.72 -54.61 22.58
N PHE D 76 1.72 -53.36 23.05
CA PHE D 76 2.91 -52.54 22.96
C PHE D 76 4.06 -53.15 23.77
N ARG D 77 3.74 -53.59 24.99
CA ARG D 77 4.79 -54.20 25.81
C ARG D 77 5.43 -55.41 25.13
N ALA D 78 4.63 -56.25 24.46
CA ALA D 78 5.17 -57.42 23.79
C ALA D 78 6.13 -57.05 22.67
N LEU D 79 5.95 -55.84 22.16
CA LEU D 79 6.78 -55.26 21.11
C LEU D 79 7.94 -54.43 21.70
N GLY D 80 8.09 -54.45 23.03
CA GLY D 80 9.22 -53.82 23.67
C GLY D 80 8.98 -52.40 24.08
N CYS D 81 7.70 -52.01 24.24
CA CYS D 81 7.34 -50.63 24.51
C CYS D 81 6.44 -50.49 25.71
N LYS D 82 6.96 -49.85 26.77
CA LYS D 82 6.20 -49.72 28.02
C LYS D 82 5.63 -48.33 28.26
N VAL D 83 5.78 -47.44 27.26
CA VAL D 83 5.53 -46.01 27.47
C VAL D 83 4.05 -45.65 27.61
N TRP D 84 3.16 -46.57 27.24
CA TRP D 84 1.71 -46.38 27.31
C TRP D 84 1.02 -46.90 28.55
N ASP D 85 1.72 -47.66 29.38
CA ASP D 85 1.08 -48.27 30.54
C ASP D 85 0.37 -47.29 31.46
N ALA D 86 1.10 -46.23 31.84
CA ALA D 86 0.57 -45.28 32.78
C ALA D 86 -0.65 -44.52 32.24
N ASN D 87 -0.60 -44.14 30.97
CA ASN D 87 -1.76 -43.50 30.32
C ASN D 87 -2.94 -44.50 30.22
N ALA D 88 -2.68 -45.80 30.01
CA ALA D 88 -3.76 -46.79 29.95
C ALA D 88 -4.38 -47.06 31.32
N ASN D 89 -3.55 -47.08 32.37
CA ASN D 89 -3.98 -47.64 33.65
C ASN D 89 -3.93 -46.76 34.89
N GLU D 90 -3.27 -45.62 34.81
CA GLU D 90 -3.15 -44.74 35.94
C GLU D 90 -3.74 -43.34 35.74
N ASN D 91 -3.92 -42.91 34.53
CA ASN D 91 -4.51 -41.58 34.26
C ASN D 91 -5.95 -41.52 34.71
N ALA D 92 -6.23 -40.65 35.67
CA ALA D 92 -7.54 -40.59 36.32
C ALA D 92 -8.67 -40.25 35.34
N GLN D 93 -8.40 -39.33 34.44
CA GLN D 93 -9.40 -38.93 33.45
C GLN D 93 -9.78 -40.10 32.55
N TRP D 94 -8.77 -40.84 32.09
CA TRP D 94 -9.01 -41.96 31.20
C TRP D 94 -9.67 -43.08 31.93
N LEU D 95 -9.25 -43.35 33.18
CA LEU D 95 -9.90 -44.39 33.98
C LEU D 95 -11.40 -44.14 34.16
N ALA D 96 -11.82 -42.87 34.18
CA ALA D 96 -13.24 -42.49 34.28
C ALA D 96 -13.96 -42.43 32.93
N ASN D 97 -13.25 -42.63 31.84
CA ASN D 97 -13.81 -42.41 30.50
C ASN D 97 -14.65 -43.63 30.08
N PRO D 98 -15.91 -43.42 29.63
CA PRO D 98 -16.78 -44.56 29.33
C PRO D 98 -16.44 -45.35 28.07
N TYR D 99 -15.46 -44.89 27.29
CA TYR D 99 -15.01 -45.60 26.12
C TYR D 99 -13.83 -46.53 26.43
N ARG D 100 -13.28 -46.43 27.64
CA ARG D 100 -12.18 -47.33 28.04
C ARG D 100 -12.73 -48.73 28.31
N ARG D 101 -12.17 -49.76 27.65
CA ARG D 101 -12.75 -51.09 27.74
C ARG D 101 -12.31 -51.83 29.00
N GLY D 102 -11.19 -51.43 29.58
CA GLY D 102 -10.59 -52.19 30.70
C GLY D 102 -9.09 -52.00 30.77
N ALA D 103 -8.44 -52.81 31.58
CA ALA D 103 -7.01 -52.71 31.76
C ALA D 103 -6.26 -52.78 30.45
N ASP D 104 -5.23 -51.96 30.37
CA ASP D 104 -4.35 -51.81 29.23
C ASP D 104 -4.99 -51.16 28.00
N ASP D 105 -6.29 -50.84 28.04
CA ASP D 105 -6.89 -50.21 26.87
C ASP D 105 -6.51 -48.74 26.77
N LEU D 106 -6.31 -48.32 25.52
CA LEU D 106 -5.96 -46.95 25.20
C LEU D 106 -6.99 -46.22 24.37
N GLY D 107 -7.97 -46.96 23.82
CA GLY D 107 -8.90 -46.35 22.83
C GLY D 107 -8.18 -46.30 21.48
N ASP D 108 -8.90 -45.78 20.48
CA ASP D 108 -8.43 -45.84 19.11
C ASP D 108 -7.44 -44.73 18.80
N VAL D 109 -6.31 -44.82 19.46
CA VAL D 109 -5.21 -43.86 19.33
C VAL D 109 -4.33 -44.19 18.09
N TYR D 110 -3.70 -43.14 17.60
CA TYR D 110 -2.62 -43.20 16.64
C TYR D 110 -2.83 -44.17 15.49
N GLY D 111 -2.14 -45.30 15.50
CA GLY D 111 -2.29 -46.26 14.43
C GLY D 111 -3.68 -46.72 14.05
N VAL D 112 -4.63 -46.68 14.98
CA VAL D 112 -5.98 -47.07 14.60
C VAL D 112 -6.49 -46.03 13.59
N GLN D 113 -6.13 -44.78 13.82
CA GLN D 113 -6.50 -43.68 12.90
C GLN D 113 -5.65 -43.77 11.63
N TRP D 114 -4.39 -44.20 11.74
CA TRP D 114 -3.55 -44.24 10.57
C TRP D 114 -4.04 -45.31 9.60
N ARG D 115 -4.50 -46.41 10.14
CA ARG D 115 -4.76 -47.64 9.36
C ARG D 115 -6.22 -47.96 9.18
N ARG D 116 -7.06 -47.47 10.07
CA ARG D 116 -8.47 -47.86 10.13
C ARG D 116 -9.34 -46.67 10.57
N TRP D 117 -9.05 -45.51 10.01
CA TRP D 117 -9.80 -44.28 10.33
C TRP D 117 -11.28 -44.52 10.03
N PRO D 118 -12.18 -44.33 11.00
CA PRO D 118 -13.61 -44.61 10.68
C PRO D 118 -14.24 -43.43 9.94
N GLY D 119 -14.33 -43.61 8.64
CA GLY D 119 -14.89 -42.63 7.73
C GLY D 119 -16.33 -42.89 7.42
N TYR D 120 -17.17 -41.88 7.65
CA TYR D 120 -18.54 -41.99 7.38
C TYR D 120 -19.03 -40.97 6.39
N LYS D 121 -20.06 -41.35 5.63
CA LYS D 121 -20.84 -40.40 4.81
C LYS D 121 -22.32 -40.65 5.08
N VAL D 122 -23.09 -39.55 5.17
CA VAL D 122 -24.53 -39.66 5.14
C VAL D 122 -24.96 -39.05 3.81
N LEU D 123 -25.50 -39.90 2.93
CA LEU D 123 -25.95 -39.48 1.61
C LEU D 123 -27.45 -39.63 1.49
N ASP D 124 -28.05 -38.86 0.60
CA ASP D 124 -29.41 -39.14 0.20
C ASP D 124 -29.49 -40.53 -0.44
N ALA D 125 -30.52 -41.31 -0.12
CA ALA D 125 -30.66 -42.69 -0.60
C ALA D 125 -30.81 -42.76 -2.10
N HIS D 126 -31.23 -41.67 -2.73
CA HIS D 126 -31.33 -41.62 -4.19
C HIS D 126 -30.22 -40.86 -4.87
N ALA D 127 -29.15 -40.53 -4.18
CA ALA D 127 -28.00 -39.93 -4.85
C ALA D 127 -27.14 -41.00 -5.49
N ASP D 128 -27.64 -41.60 -6.57
CA ASP D 128 -27.00 -42.77 -7.11
C ASP D 128 -25.56 -42.61 -7.48
N ALA D 129 -25.24 -41.50 -8.11
CA ALA D 129 -23.87 -41.30 -8.58
C ALA D 129 -22.89 -41.13 -7.40
N GLN D 130 -23.32 -40.46 -6.33
CA GLN D 130 -22.48 -40.32 -5.13
C GLN D 130 -22.28 -41.67 -4.46
N ILE D 131 -23.37 -42.43 -4.34
CA ILE D 131 -23.33 -43.75 -3.70
C ILE D 131 -22.42 -44.67 -4.49
N ALA D 132 -22.53 -44.65 -5.84
CA ALA D 132 -21.69 -45.45 -6.74
C ALA D 132 -20.24 -45.10 -6.63
N ASP D 133 -19.97 -43.79 -6.53
CA ASP D 133 -18.61 -43.32 -6.40
C ASP D 133 -18.02 -43.78 -5.05
N ALA D 134 -18.77 -43.57 -3.98
CA ALA D 134 -18.35 -44.04 -2.66
C ALA D 134 -18.09 -45.55 -2.60
N THR D 135 -18.99 -46.34 -3.22
CA THR D 135 -18.82 -47.79 -3.22
C THR D 135 -17.55 -48.20 -3.97
N SER D 136 -17.26 -47.50 -5.07
CA SER D 136 -16.07 -47.81 -5.88
C SER D 136 -14.77 -47.55 -5.11
N ARG D 137 -14.86 -46.67 -4.11
CA ARG D 137 -13.73 -46.28 -3.28
C ARG D 137 -13.69 -47.07 -1.98
N GLY D 138 -14.56 -48.06 -1.82
CA GLY D 138 -14.44 -48.94 -0.66
C GLY D 138 -15.40 -48.65 0.46
N PHE D 139 -16.31 -47.71 0.27
CA PHE D 139 -17.36 -47.48 1.30
C PHE D 139 -18.47 -48.50 1.12
N ARG D 140 -19.11 -48.83 2.23
CA ARG D 140 -20.26 -49.74 2.17
C ARG D 140 -21.40 -49.18 2.95
N ILE D 141 -22.60 -49.53 2.49
CA ILE D 141 -23.83 -49.02 3.07
C ILE D 141 -24.03 -49.83 4.34
N VAL D 142 -24.16 -49.18 5.48
CA VAL D 142 -24.39 -49.91 6.70
C VAL D 142 -25.70 -49.64 7.39
N ALA D 143 -26.38 -48.56 7.03
CA ALA D 143 -27.68 -48.25 7.61
C ALA D 143 -28.51 -47.39 6.67
N ARG D 144 -29.83 -47.52 6.80
CA ARG D 144 -30.81 -46.67 6.11
C ARG D 144 -31.79 -46.11 7.15
N PHE D 145 -32.16 -44.85 6.96
CA PHE D 145 -32.93 -44.12 7.95
C PHE D 145 -33.50 -42.87 7.32
N GLU D 146 -34.50 -42.28 7.99
CA GLU D 146 -35.16 -41.07 7.55
C GLU D 146 -34.73 -39.95 8.49
N GLU D 147 -34.33 -38.83 7.92
CA GLU D 147 -33.96 -37.65 8.67
C GLU D 147 -34.47 -36.44 7.90
N GLY D 148 -35.17 -35.54 8.59
CA GLY D 148 -35.70 -34.32 7.94
C GLY D 148 -36.57 -34.62 6.74
N GLY D 149 -37.31 -35.71 6.83
CA GLY D 149 -38.21 -36.12 5.75
C GLY D 149 -37.53 -36.74 4.53
N ALA D 150 -36.22 -36.92 4.58
CA ALA D 150 -35.47 -37.50 3.45
C ALA D 150 -34.97 -38.90 3.82
N ASP D 151 -34.96 -39.78 2.84
CA ASP D 151 -34.41 -41.13 3.03
C ASP D 151 -32.93 -41.02 2.88
N LYS D 152 -32.17 -41.49 3.88
CA LYS D 152 -30.73 -41.40 3.83
CA LYS D 152 -30.72 -41.38 3.93
C LYS D 152 -30.08 -42.77 4.00
N VAL D 153 -28.84 -42.84 3.56
CA VAL D 153 -28.00 -44.02 3.77
C VAL D 153 -26.74 -43.57 4.51
N LEU D 154 -26.29 -44.39 5.46
CA LEU D 154 -25.01 -44.19 6.14
C LEU D 154 -24.01 -45.15 5.47
N LEU D 155 -22.90 -44.61 4.95
CA LEU D 155 -21.81 -45.40 4.41
C LEU D 155 -20.57 -45.31 5.26
N HIS D 156 -19.79 -46.37 5.31
CA HIS D 156 -18.62 -46.44 6.17
C HIS D 156 -17.46 -47.02 5.42
N LYS D 157 -16.28 -46.48 5.67
CA LYS D 157 -15.02 -47.13 5.25
C LYS D 157 -14.00 -47.00 6.35
N ALA D 158 -13.30 -48.09 6.69
CA ALA D 158 -12.16 -48.03 7.56
C ALA D 158 -10.98 -47.63 6.66
N ILE D 159 -10.56 -46.36 6.77
CA ILE D 159 -9.68 -45.77 5.77
C ILE D 159 -8.27 -46.06 6.21
N ASP D 160 -7.53 -46.74 5.35
CA ASP D 160 -6.13 -47.04 5.62
C ASP D 160 -5.28 -45.95 4.96
N GLN D 161 -5.09 -44.84 5.67
CA GLN D 161 -4.38 -43.71 5.11
C GLN D 161 -2.96 -44.09 4.76
N LEU D 162 -2.32 -44.90 5.60
CA LEU D 162 -0.91 -45.25 5.38
C LEU D 162 -0.76 -46.14 4.15
N ARG D 163 -1.60 -47.15 4.03
CA ARG D 163 -1.55 -47.99 2.85
C ARG D 163 -1.85 -47.18 1.60
N ASP D 164 -2.83 -46.28 1.69
CA ASP D 164 -3.16 -45.38 0.57
C ASP D 164 -1.92 -44.57 0.16
N CYS D 165 -1.16 -44.08 1.15
CA CYS D 165 0.12 -43.38 0.86
C CYS D 165 1.08 -44.26 0.08
N LEU D 166 1.32 -45.48 0.56
CA LEU D 166 2.28 -46.37 -0.12
C LEU D 166 1.80 -46.63 -1.55
N ASP D 167 0.50 -46.86 -1.71
CA ASP D 167 -0.04 -47.09 -3.05
C ASP D 167 0.22 -45.87 -3.95
N THR D 168 0.05 -44.65 -3.42
CA THR D 168 0.18 -43.47 -4.22
C THR D 168 1.67 -43.23 -4.56
N ILE D 169 2.57 -43.59 -3.66
CA ILE D 169 3.99 -43.45 -3.92
C ILE D 169 4.39 -44.29 -5.13
N VAL D 170 3.86 -45.51 -5.17
CA VAL D 170 4.20 -46.46 -6.26
C VAL D 170 3.45 -46.03 -7.55
N ARG D 171 2.16 -45.68 -7.45
CA ARG D 171 1.33 -45.35 -8.62
C ARG D 171 1.50 -43.95 -9.19
N ASP D 172 1.71 -42.95 -8.34
CA ASP D 172 1.62 -41.56 -8.74
C ASP D 172 2.49 -40.72 -7.82
N PRO D 173 3.81 -40.93 -7.89
CA PRO D 173 4.70 -40.25 -6.95
C PRO D 173 4.81 -38.74 -7.06
N SER D 174 4.35 -38.13 -8.16
CA SER D 174 4.32 -36.66 -8.25
C SER D 174 3.18 -36.04 -7.48
N SER D 175 2.27 -36.85 -6.94
CA SER D 175 1.23 -36.34 -6.04
C SER D 175 1.86 -35.57 -4.86
N ARG D 176 1.23 -34.44 -4.52
CA ARG D 176 1.65 -33.64 -3.38
C ARG D 176 0.69 -33.85 -2.23
N ARG D 177 -0.07 -34.94 -2.29
CA ARG D 177 -1.10 -35.27 -1.28
C ARG D 177 -0.82 -36.55 -0.49
N ILE D 178 0.44 -36.96 -0.42
CA ILE D 178 0.82 -38.21 0.18
C ILE D 178 1.09 -38.00 1.67
N LEU D 179 0.03 -38.03 2.45
CA LEU D 179 0.12 -37.74 3.89
C LEU D 179 -0.93 -38.46 4.66
N PHE D 180 -0.63 -38.69 5.93
CA PHE D 180 -1.61 -39.23 6.87
C PHE D 180 -1.45 -38.55 8.21
N HIS D 181 -2.53 -38.56 8.99
CA HIS D 181 -2.44 -38.10 10.34
C HIS D 181 -3.36 -38.82 11.28
N GLY D 182 -3.11 -38.54 12.55
CA GLY D 182 -3.78 -39.19 13.64
C GLY D 182 -4.77 -38.36 14.43
N TRP D 183 -5.15 -37.19 13.92
CA TRP D 183 -6.02 -36.25 14.67
C TRP D 183 -7.41 -36.29 14.13
N ASN D 184 -8.24 -37.10 14.77
CA ASN D 184 -9.62 -37.29 14.36
C ASN D 184 -10.50 -36.57 15.36
N PRO D 185 -11.02 -35.39 15.01
CA PRO D 185 -11.84 -34.62 15.96
C PRO D 185 -13.05 -35.36 16.53
N ALA D 186 -13.55 -36.34 15.79
CA ALA D 186 -14.80 -37.00 16.21
C ALA D 186 -14.55 -37.93 17.38
N VAL D 187 -13.30 -38.32 17.64
CA VAL D 187 -12.99 -39.31 18.73
C VAL D 187 -12.00 -38.82 19.79
N LEU D 188 -11.83 -37.49 19.91
CA LEU D 188 -10.91 -36.95 20.87
C LEU D 188 -11.40 -37.26 22.30
N ASP D 189 -12.71 -37.49 22.41
CA ASP D 189 -13.34 -37.83 23.69
C ASP D 189 -13.39 -39.32 24.03
N GLU D 190 -12.77 -40.16 23.19
CA GLU D 190 -12.83 -41.61 23.31
C GLU D 190 -11.48 -42.29 23.53
N ILE D 191 -10.45 -41.51 23.85
CA ILE D 191 -9.07 -41.94 23.78
C ILE D 191 -8.24 -41.50 24.98
N ALA D 192 -7.22 -42.29 25.29
CA ALA D 192 -6.37 -42.02 26.44
C ALA D 192 -5.55 -40.75 26.30
N LEU D 193 -5.10 -40.45 25.07
CA LEU D 193 -4.32 -39.24 24.77
C LEU D 193 -4.48 -38.92 23.27
N PRO D 194 -4.57 -37.64 22.93
CA PRO D 194 -4.64 -37.27 21.53
C PRO D 194 -3.26 -37.22 20.89
N ALA D 195 -3.22 -37.46 19.57
CA ALA D 195 -1.96 -37.53 18.81
C ALA D 195 -1.06 -36.33 19.06
N CYS D 196 0.19 -36.62 19.33
CA CYS D 196 1.23 -35.61 19.58
C CYS D 196 2.11 -35.51 18.36
N HIS D 197 2.76 -36.63 18.00
CA HIS D 197 3.38 -36.70 16.68
C HIS D 197 2.24 -37.01 15.75
N LEU D 198 1.88 -36.01 14.96
CA LEU D 198 0.51 -35.85 14.47
C LEU D 198 0.34 -36.12 12.99
N LEU D 199 1.11 -35.45 12.16
CA LEU D 199 0.99 -35.51 10.70
C LEU D 199 2.30 -35.92 10.08
N TYR D 200 2.22 -36.85 9.14
CA TYR D 200 3.36 -37.38 8.39
C TYR D 200 3.08 -37.19 6.90
N GLN D 201 4.00 -36.54 6.20
CA GLN D 201 3.89 -36.30 4.77
C GLN D 201 5.13 -36.86 4.09
N PHE D 202 4.90 -37.73 3.09
CA PHE D 202 5.98 -38.23 2.24
C PHE D 202 6.10 -37.50 0.93
N LEU D 203 7.34 -37.28 0.50
CA LEU D 203 7.66 -36.46 -0.66
C LEU D 203 8.64 -37.23 -1.54
N PRO D 204 8.12 -38.06 -2.43
CA PRO D 204 8.96 -38.76 -3.38
C PRO D 204 9.47 -37.86 -4.48
N ASN D 205 10.72 -38.08 -4.86
CA ASN D 205 11.38 -37.36 -5.95
C ASN D 205 11.73 -38.44 -6.96
N VAL D 206 10.93 -38.54 -8.02
CA VAL D 206 11.04 -39.72 -8.90
C VAL D 206 12.31 -39.62 -9.76
N GLU D 207 12.74 -38.41 -10.10
CA GLU D 207 13.98 -38.21 -10.88
C GLU D 207 15.26 -38.70 -10.13
N ARG D 208 15.24 -38.63 -8.80
CA ARG D 208 16.39 -39.05 -8.00
C ARG D 208 16.12 -40.34 -7.20
N ARG D 209 14.89 -40.85 -7.28
CA ARG D 209 14.38 -41.96 -6.45
C ARG D 209 14.76 -41.80 -4.99
N GLU D 210 14.59 -40.56 -4.53
CA GLU D 210 14.74 -40.18 -3.11
C GLU D 210 13.38 -39.88 -2.49
N ILE D 211 13.16 -40.32 -1.26
CA ILE D 211 11.88 -40.03 -0.57
C ILE D 211 12.19 -39.26 0.75
N SER D 212 11.44 -38.20 1.01
CA SER D 212 11.60 -37.42 2.19
C SER D 212 10.32 -37.41 3.00
N LEU D 213 10.45 -36.99 4.26
CA LEU D 213 9.37 -37.03 5.26
C LEU D 213 9.31 -35.71 5.98
N CYS D 214 8.10 -35.16 6.14
CA CYS D 214 7.90 -34.01 7.02
C CYS D 214 6.96 -34.52 8.10
N LEU D 215 7.24 -34.17 9.35
CA LEU D 215 6.51 -34.65 10.52
C LEU D 215 6.16 -33.45 11.33
N TYR D 216 4.88 -33.29 11.62
CA TYR D 216 4.44 -32.19 12.52
C TYR D 216 4.14 -32.76 13.88
N ILE D 217 4.78 -32.22 14.91
CA ILE D 217 4.58 -32.64 16.31
C ILE D 217 4.02 -31.48 17.08
N ARG D 218 2.85 -31.64 17.72
CA ARG D 218 2.23 -30.49 18.40
C ARG D 218 2.94 -30.10 19.68
N SER D 219 3.61 -31.04 20.33
CA SER D 219 4.24 -30.76 21.62
C SER D 219 5.41 -31.71 21.81
N ASN D 220 6.56 -31.20 22.17
CA ASN D 220 7.75 -32.07 22.31
C ASN D 220 8.65 -31.59 23.43
N ASP D 221 8.90 -32.53 24.37
CA ASP D 221 10.04 -32.46 25.26
C ASP D 221 11.29 -32.62 24.43
N VAL D 222 12.00 -31.51 24.24
CA VAL D 222 13.22 -31.47 23.45
C VAL D 222 14.32 -32.35 24.07
N GLY D 223 14.26 -32.61 25.38
CA GLY D 223 15.21 -33.51 26.07
C GLY D 223 15.05 -34.99 25.79
N LEU D 224 13.97 -35.59 26.28
CA LEU D 224 13.75 -37.03 26.09
C LEU D 224 12.76 -37.38 24.98
N GLY D 225 11.87 -36.46 24.64
CA GLY D 225 10.85 -36.74 23.64
C GLY D 225 11.41 -36.69 22.24
N THR D 226 12.24 -35.68 21.98
CA THR D 226 12.77 -35.51 20.61
C THR D 226 13.56 -36.75 20.08
N PRO D 227 14.50 -37.29 20.86
CA PRO D 227 15.24 -38.48 20.36
C PRO D 227 14.31 -39.66 20.00
N PHE D 228 13.28 -39.84 20.80
CA PHE D 228 12.32 -40.92 20.64
C PHE D 228 11.56 -40.74 19.33
N ASN D 229 10.96 -39.56 19.16
CA ASN D 229 10.20 -39.29 17.97
C ASN D 229 11.04 -39.26 16.70
N LEU D 230 12.28 -38.79 16.81
CA LEU D 230 13.20 -38.87 15.67
C LEU D 230 13.49 -40.31 15.23
N ALA D 231 13.74 -41.21 16.19
CA ALA D 231 13.92 -42.63 15.86
C ALA D 231 12.71 -43.21 15.14
N GLU D 232 11.52 -42.93 15.63
CA GLU D 232 10.35 -43.52 15.03
CA GLU D 232 10.32 -43.48 15.01
C GLU D 232 10.13 -42.99 13.60
N GLY D 233 10.32 -41.69 13.42
CA GLY D 233 10.12 -41.06 12.11
C GLY D 233 11.13 -41.56 11.10
N ALA D 234 12.39 -41.63 11.51
CA ALA D 234 13.44 -42.14 10.60
C ALA D 234 13.20 -43.59 10.23
N ALA D 235 12.79 -44.40 11.22
CA ALA D 235 12.49 -45.82 10.97
C ALA D 235 11.35 -45.95 9.98
N LEU D 236 10.30 -45.14 10.16
CA LEU D 236 9.14 -45.22 9.27
C LEU D 236 9.53 -44.80 7.83
N LEU D 237 10.29 -43.75 7.68
CA LEU D 237 10.72 -43.32 6.34
C LEU D 237 11.56 -44.46 5.69
N THR D 238 12.42 -45.09 6.48
CA THR D 238 13.29 -46.19 5.97
C THR D 238 12.42 -47.36 5.50
N LEU D 239 11.43 -47.73 6.31
CA LEU D 239 10.51 -48.83 5.92
C LEU D 239 9.73 -48.47 4.65
N VAL D 240 9.14 -47.28 4.64
CA VAL D 240 8.37 -46.84 3.48
C VAL D 240 9.22 -46.80 2.22
N GLY D 241 10.44 -46.31 2.31
CA GLY D 241 11.35 -46.31 1.14
C GLY D 241 11.67 -47.71 0.64
N ARG D 242 11.86 -48.63 1.57
CA ARG D 242 12.15 -50.02 1.22
C ARG D 242 11.02 -50.63 0.46
N LEU D 243 9.78 -50.32 0.87
CA LEU D 243 8.59 -50.99 0.29
C LEU D 243 8.04 -50.29 -0.97
N THR D 244 8.55 -49.10 -1.29
CA THR D 244 8.08 -48.33 -2.43
C THR D 244 9.16 -48.00 -3.48
N GLY D 245 10.38 -48.40 -3.23
CA GLY D 245 11.47 -48.20 -4.22
C GLY D 245 12.23 -46.87 -4.20
N TYR D 246 12.33 -46.23 -3.04
CA TYR D 246 12.96 -44.93 -2.85
C TYR D 246 13.95 -44.94 -1.71
N SER D 247 15.06 -44.27 -1.87
CA SER D 247 16.06 -44.10 -0.78
CA SER D 247 16.00 -44.15 -0.77
C SER D 247 15.66 -42.95 0.14
N PRO D 248 15.68 -43.20 1.44
CA PRO D 248 15.39 -42.08 2.32
C PRO D 248 16.39 -40.94 2.18
N ARG D 249 15.87 -39.70 2.22
CA ARG D 249 16.68 -38.52 2.17
C ARG D 249 16.31 -37.61 3.33
N TRP D 250 15.51 -36.57 3.07
CA TRP D 250 15.28 -35.56 4.11
C TRP D 250 14.22 -35.92 5.10
N PHE D 251 14.50 -35.72 6.38
CA PHE D 251 13.52 -35.88 7.45
C PHE D 251 13.41 -34.55 8.15
N THR D 252 12.29 -33.85 7.94
CA THR D 252 12.08 -32.54 8.50
C THR D 252 11.08 -32.64 9.62
N TYR D 253 11.43 -32.06 10.78
CA TYR D 253 10.75 -32.33 12.03
C TYR D 253 10.29 -30.97 12.49
N PHE D 254 8.99 -30.74 12.37
CA PHE D 254 8.37 -29.49 12.73
C PHE D 254 7.69 -29.58 14.10
N ILE D 255 7.99 -28.62 14.99
CA ILE D 255 7.49 -28.69 16.36
C ILE D 255 6.68 -27.43 16.68
N GLY D 256 5.48 -27.62 17.23
CA GLY D 256 4.69 -26.50 17.73
C GLY D 256 5.20 -26.01 19.07
N ASP D 257 4.82 -26.71 20.14
CA ASP D 257 5.29 -26.37 21.49
C ASP D 257 6.59 -27.12 21.79
N ALA D 258 7.72 -26.43 21.64
CA ALA D 258 9.04 -27.01 21.90
C ALA D 258 9.50 -26.58 23.29
N HIS D 259 9.67 -27.54 24.19
CA HIS D 259 9.98 -27.21 25.57
C HIS D 259 10.95 -28.16 26.23
N ILE D 260 11.53 -27.67 27.34
CA ILE D 260 12.48 -28.42 28.17
C ILE D 260 11.98 -28.46 29.60
N TYR D 261 12.13 -29.61 30.27
CA TYR D 261 11.79 -29.72 31.70
C TYR D 261 12.91 -29.22 32.60
N GLU D 262 12.52 -28.48 33.64
CA GLU D 262 13.45 -27.99 34.66
C GLU D 262 14.26 -29.14 35.25
N ASN D 263 13.59 -30.28 35.46
CA ASN D 263 14.21 -31.46 36.06
C ASN D 263 15.27 -32.12 35.17
N GLN D 264 15.34 -31.69 33.90
CA GLN D 264 16.33 -32.20 32.94
C GLN D 264 17.49 -31.24 32.68
N LEU D 265 17.43 -30.03 33.22
CA LEU D 265 18.49 -29.05 32.96
C LEU D 265 19.88 -29.61 33.27
N ASP D 266 20.03 -30.27 34.42
CA ASP D 266 21.33 -30.86 34.78
C ASP D 266 21.83 -31.69 33.60
N MET D 267 21.03 -32.68 33.18
CA MET D 267 21.40 -33.57 32.06
C MET D 267 21.72 -32.82 30.77
N LEU D 268 20.82 -31.93 30.35
CA LEU D 268 21.04 -31.14 29.12
C LEU D 268 22.26 -30.22 29.20
N LYS D 269 22.51 -29.66 30.39
CA LYS D 269 23.68 -28.79 30.61
C LYS D 269 24.98 -29.49 30.23
N GLN D 270 25.06 -30.79 30.51
CA GLN D 270 26.23 -31.59 30.16
C GLN D 270 26.34 -31.82 28.66
N GLN D 271 25.22 -32.24 28.04
CA GLN D 271 25.18 -32.54 26.60
C GLN D 271 25.25 -31.27 25.75
N SER D 279 27.69 -40.34 14.04
CA SER D 279 26.38 -40.81 14.51
C SER D 279 26.28 -42.32 14.26
N PRO D 280 25.21 -42.96 14.78
CA PRO D 280 25.02 -44.36 14.44
C PRO D 280 24.41 -44.51 13.04
N ARG D 281 24.23 -45.77 12.66
CA ARG D 281 23.61 -46.16 11.41
C ARG D 281 22.36 -46.99 11.71
N LEU D 282 21.27 -46.63 11.06
CA LEU D 282 20.04 -47.42 11.11
C LEU D 282 20.11 -48.49 10.03
N GLU D 283 19.72 -49.70 10.37
CA GLU D 283 19.69 -50.80 9.43
C GLU D 283 18.28 -51.36 9.50
N LEU D 284 17.67 -51.60 8.36
CA LEU D 284 16.42 -52.36 8.26
C LEU D 284 16.77 -53.69 7.60
N ALA D 285 16.43 -54.80 8.27
CA ALA D 285 16.81 -56.14 7.83
C ALA D 285 16.53 -56.45 6.37
N GLU D 286 17.50 -57.13 5.76
CA GLU D 286 17.39 -57.51 4.36
C GLU D 286 16.18 -58.40 4.12
N ARG D 287 15.62 -59.05 5.14
CA ARG D 287 14.45 -59.90 4.88
C ARG D 287 13.21 -59.08 4.52
N VAL D 288 13.21 -57.78 4.84
CA VAL D 288 12.15 -56.88 4.38
C VAL D 288 12.52 -56.53 2.94
N PRO D 289 11.74 -57.03 1.95
CA PRO D 289 12.19 -56.94 0.58
C PRO D 289 12.18 -55.54 0.01
N ASP D 290 13.12 -55.30 -0.90
CA ASP D 290 13.28 -53.97 -1.53
C ASP D 290 12.56 -53.94 -2.86
N TYR D 291 11.51 -53.12 -2.92
CA TYR D 291 10.63 -53.06 -4.09
C TYR D 291 11.41 -52.71 -5.35
N ALA D 292 12.45 -51.89 -5.18
CA ALA D 292 13.25 -51.45 -6.32
C ALA D 292 14.04 -52.64 -6.86
N LYS D 293 14.30 -53.65 -6.03
CA LYS D 293 15.03 -54.83 -6.46
C LYS D 293 14.10 -55.96 -6.92
N THR D 294 12.90 -56.06 -6.38
CA THR D 294 12.03 -57.20 -6.66
C THR D 294 10.97 -56.88 -7.72
N GLY D 295 10.53 -55.63 -7.78
CA GLY D 295 9.43 -55.25 -8.64
C GLY D 295 8.08 -55.79 -8.16
N LYS D 296 8.06 -56.35 -6.94
CA LYS D 296 6.87 -56.98 -6.39
C LYS D 296 6.38 -56.11 -5.24
N TYR D 297 5.20 -55.54 -5.40
CA TYR D 297 4.61 -54.69 -4.37
C TYR D 297 4.04 -55.53 -3.22
N GLU D 298 4.61 -55.36 -2.04
CA GLU D 298 4.24 -56.15 -0.86
C GLU D 298 3.95 -55.28 0.37
N PRO D 299 2.91 -54.43 0.29
CA PRO D 299 2.59 -53.54 1.42
C PRO D 299 2.20 -54.28 2.72
N GLN D 300 1.93 -55.57 2.63
CA GLN D 300 1.68 -56.42 3.81
C GLN D 300 2.86 -56.44 4.79
N TRP D 301 4.05 -56.04 4.33
CA TRP D 301 5.18 -55.86 5.22
C TRP D 301 5.01 -54.82 6.29
N LEU D 302 4.02 -53.93 6.14
CA LEU D 302 3.71 -53.01 7.25
C LEU D 302 3.30 -53.78 8.53
N GLU D 303 2.61 -54.92 8.38
CA GLU D 303 2.23 -55.79 9.49
C GLU D 303 3.23 -56.86 9.78
N ARG D 304 4.02 -57.26 8.79
CA ARG D 304 4.96 -58.37 8.99
C ARG D 304 6.27 -57.93 9.62
N VAL D 305 6.64 -56.67 9.48
CA VAL D 305 7.89 -56.15 10.06
C VAL D 305 7.85 -56.26 11.59
N GLU D 306 9.01 -56.59 12.16
CA GLU D 306 9.11 -56.80 13.63
C GLU D 306 10.10 -55.82 14.20
N PRO D 307 10.03 -55.52 15.50
CA PRO D 307 11.04 -54.63 16.09
C PRO D 307 12.51 -55.06 15.80
N SER D 308 12.73 -56.38 15.76
CA SER D 308 14.06 -56.96 15.52
C SER D 308 14.63 -56.64 14.16
N ASP D 309 13.75 -56.25 13.23
CA ASP D 309 14.16 -55.86 11.89
C ASP D 309 14.89 -54.53 11.86
N PHE D 310 14.72 -53.71 12.89
CA PHE D 310 15.34 -52.39 12.97
C PHE D 310 16.48 -52.44 13.96
N THR D 311 17.69 -52.08 13.52
CA THR D 311 18.83 -52.02 14.43
C THR D 311 19.58 -50.70 14.29
N LEU D 312 20.23 -50.29 15.38
CA LEU D 312 20.98 -49.04 15.44
C LEU D 312 22.42 -49.40 15.79
N VAL D 313 23.31 -49.35 14.79
CA VAL D 313 24.71 -49.78 14.92
C VAL D 313 25.69 -48.60 14.98
N GLY D 314 26.64 -48.64 15.92
CA GLY D 314 27.67 -47.61 16.06
C GLY D 314 27.39 -46.70 17.24
#